data_1TYP
#
_entry.id   1TYP
#
_cell.length_a   128.800
_cell.length_b   128.800
_cell.length_c   92.500
_cell.angle_alpha   90.00
_cell.angle_beta   90.00
_cell.angle_gamma   90.00
#
_symmetry.space_group_name_H-M   'P 41'
#
loop_
_entity.id
_entity.type
_entity.pdbx_description
1 polymer 'TRYPANOTHIONE REDUCTASE'
2 non-polymer 'FLAVIN-ADENINE DINUCLEOTIDE'
3 non-polymer 'NADP NICOTINAMIDE-ADENINE-DINUCLEOTIDE PHOSPHATE'
4 non-polymer GLUTATHIONE
5 non-polymer SPERMIDINE
6 water water
#
_entity_poly.entity_id   1
_entity_poly.type   'polypeptide(L)'
_entity_poly.pdbx_seq_one_letter_code
;MSRAYDLVVIGAGSGGLEAGWNAASLHKKRVAVIDLQKHHGPPHYAALGGTCVNVGCVPKKLMVTGANYMDTIRESAGFG
WELDRESVRPNWKALIAAKNKAVSGINDSYEGMFADTEGLTFHQGWGALQDNHTVLVRESADPNSAVLETLDTEYILLAT
GSWPQHLGIEGDDLCITSNEAFYLDEAPKRALCVGGGYISIEFAGIFNAYKARGGQVDLAYRGDMILRGFDSELRKQLTE
QLRANGINVRTHENPAKVTKNADGTRHVVFESGAEADYDVVMLAIGRVPRSQTLQLDKAGVEVAKNGAIKVDAYSKTNVD
NIYAIGDVTDRVMLTPVAINEGAAFVDTVFANKPRATDHTKVACAVFSIPPMGVCGYVEEDAAKKYDQVAVYESSFTPLM
HNISGSTYKKFMVRIVTNHADGEVLGVHMLGDSSPEIIQSVAICLKMGAKISDFYNTIGVHPTSAEELCSMRTPAYFYQK
GKRVEKI
;
_entity_poly.pdbx_strand_id   A,B
#
loop_
_chem_comp.id
_chem_comp.type
_chem_comp.name
_chem_comp.formula
FAD non-polymer 'FLAVIN-ADENINE DINUCLEOTIDE' 'C27 H33 N9 O15 P2'
GSH non-polymer GLUTATHIONE 'C10 H17 N3 O6 S'
NAP non-polymer 'NADP NICOTINAMIDE-ADENINE-DINUCLEOTIDE PHOSPHATE' 'C21 H28 N7 O17 P3'
SPD non-polymer SPERMIDINE 'C7 H19 N3'
#
# COMPACT_ATOMS: atom_id res chain seq x y z
N MET A 1 -23.68 41.35 25.08
CA MET A 1 -22.52 40.59 25.48
C MET A 1 -23.03 39.15 25.65
N SER A 2 -23.69 38.61 26.71
CA SER A 2 -23.98 37.17 26.88
C SER A 2 -22.61 36.57 27.25
N ARG A 3 -21.73 36.69 26.23
CA ARG A 3 -20.28 36.48 26.14
C ARG A 3 -20.22 36.61 24.63
N ALA A 4 -19.43 37.49 24.04
CA ALA A 4 -19.48 37.70 22.62
C ALA A 4 -19.18 36.46 21.79
N TYR A 5 -18.33 35.53 22.20
CA TYR A 5 -18.04 34.40 21.36
C TYR A 5 -18.24 33.21 22.22
N ASP A 6 -18.59 32.13 21.55
CA ASP A 6 -18.72 30.86 22.23
C ASP A 6 -17.37 30.23 22.48
N LEU A 7 -16.51 30.21 21.48
CA LEU A 7 -15.24 29.56 21.63
C LEU A 7 -14.29 30.46 20.86
N VAL A 8 -13.11 30.59 21.45
CA VAL A 8 -11.99 31.25 20.84
C VAL A 8 -10.98 30.14 20.80
N VAL A 9 -10.45 29.83 19.60
CA VAL A 9 -9.45 28.80 19.40
C VAL A 9 -8.12 29.53 19.22
N ILE A 10 -7.03 29.41 20.01
CA ILE A 10 -5.76 29.99 19.61
C ILE A 10 -5.00 28.95 18.80
N GLY A 11 -4.76 29.11 17.50
CA GLY A 11 -4.04 28.15 16.71
C GLY A 11 -4.94 27.57 15.65
N ALA A 12 -4.75 27.89 14.37
CA ALA A 12 -5.55 27.33 13.28
C ALA A 12 -4.78 26.18 12.63
N GLY A 13 -4.27 25.22 13.41
CA GLY A 13 -3.58 24.05 12.89
C GLY A 13 -4.53 22.84 12.77
N SER A 14 -4.04 21.60 12.83
CA SER A 14 -4.85 20.41 12.62
C SER A 14 -6.03 20.30 13.57
N GLY A 15 -5.75 20.44 14.88
CA GLY A 15 -6.76 20.26 15.90
C GLY A 15 -7.58 21.52 16.06
N GLY A 16 -6.93 22.71 15.96
CA GLY A 16 -7.63 23.99 16.08
C GLY A 16 -8.73 24.23 15.07
N LEU A 17 -8.40 23.92 13.84
CA LEU A 17 -9.27 24.06 12.70
C LEU A 17 -10.41 23.02 12.68
N GLU A 18 -10.10 21.83 13.21
CA GLU A 18 -11.05 20.75 13.34
C GLU A 18 -12.12 21.19 14.31
N ALA A 19 -11.65 21.69 15.45
CA ALA A 19 -12.53 22.16 16.48
C ALA A 19 -13.33 23.38 16.03
N GLY A 20 -12.67 24.45 15.60
CA GLY A 20 -13.32 25.67 15.20
C GLY A 20 -14.35 25.42 14.13
N TRP A 21 -14.03 24.66 13.11
CA TRP A 21 -14.94 24.41 12.02
C TRP A 21 -16.08 23.51 12.51
N ASN A 22 -15.88 22.38 13.21
CA ASN A 22 -16.98 21.53 13.62
C ASN A 22 -17.93 22.20 14.55
N ALA A 23 -17.40 22.98 15.51
CA ALA A 23 -18.18 23.73 16.50
C ALA A 23 -19.08 24.74 15.81
N ALA A 24 -18.67 25.59 14.88
CA ALA A 24 -19.54 26.51 14.14
C ALA A 24 -20.44 25.89 13.07
N SER A 25 -19.89 25.05 12.23
CA SER A 25 -20.64 24.44 11.14
C SER A 25 -21.70 23.52 11.65
N LEU A 26 -21.27 22.55 12.44
CA LEU A 26 -22.22 21.58 12.89
C LEU A 26 -22.99 22.03 14.10
N HIS A 27 -22.51 22.89 14.96
CA HIS A 27 -23.29 23.19 16.14
C HIS A 27 -23.71 24.63 16.18
N LYS A 28 -23.45 25.39 15.11
CA LYS A 28 -23.82 26.79 15.04
C LYS A 28 -23.26 27.68 16.17
N LYS A 29 -22.04 27.51 16.66
CA LYS A 29 -21.51 28.41 17.68
C LYS A 29 -20.81 29.58 17.02
N ARG A 30 -20.41 30.66 17.73
CA ARG A 30 -19.68 31.76 17.13
C ARG A 30 -18.25 31.56 17.61
N VAL A 31 -17.38 31.37 16.63
CA VAL A 31 -16.02 30.90 16.85
C VAL A 31 -15.06 31.85 16.20
N ALA A 32 -14.03 32.19 16.96
CA ALA A 32 -12.98 33.06 16.51
C ALA A 32 -11.71 32.24 16.49
N VAL A 33 -11.01 32.08 15.37
CA VAL A 33 -9.78 31.34 15.34
C VAL A 33 -8.71 32.41 15.17
N ILE A 34 -7.65 32.34 15.97
CA ILE A 34 -6.50 33.24 15.94
C ILE A 34 -5.27 32.54 15.34
N ASP A 35 -4.52 33.15 14.42
CA ASP A 35 -3.23 32.63 13.99
C ASP A 35 -2.39 33.83 13.61
N LEU A 36 -1.10 33.61 13.53
CA LEU A 36 -0.10 34.62 13.23
C LEU A 36 -0.06 35.01 11.76
N GLN A 37 -0.73 34.33 10.81
CA GLN A 37 -0.39 34.47 9.39
C GLN A 37 -1.45 33.74 8.60
N LYS A 38 -1.72 34.18 7.39
CA LYS A 38 -2.70 33.55 6.53
C LYS A 38 -2.03 32.65 5.47
N HIS A 39 -0.75 32.79 5.10
CA HIS A 39 -0.11 32.01 4.05
C HIS A 39 1.25 31.53 4.53
N HIS A 40 1.72 30.36 4.13
CA HIS A 40 2.98 29.82 4.66
C HIS A 40 4.21 30.70 4.50
N GLY A 41 5.31 30.43 5.18
CA GLY A 41 6.51 31.16 4.83
C GLY A 41 7.07 31.86 6.02
N PRO A 42 8.27 32.38 5.89
CA PRO A 42 8.86 33.30 6.83
C PRO A 42 7.86 34.44 6.94
N PRO A 43 7.76 35.12 8.09
CA PRO A 43 8.58 34.85 9.27
C PRO A 43 8.06 33.74 10.21
N HIS A 44 6.78 33.35 10.14
CA HIS A 44 6.27 32.39 11.10
C HIS A 44 6.22 30.93 10.69
N TYR A 45 6.32 30.74 9.38
CA TYR A 45 6.32 29.47 8.69
C TYR A 45 4.94 28.89 8.71
N ALA A 46 4.44 28.50 9.88
CA ALA A 46 3.12 27.97 10.00
C ALA A 46 2.10 29.09 9.80
N ALA A 47 0.93 28.80 9.26
CA ALA A 47 -0.10 29.79 8.99
C ALA A 47 -1.44 29.06 9.09
N LEU A 48 -2.50 29.43 8.39
CA LEU A 48 -3.72 28.65 8.34
C LEU A 48 -3.37 27.16 8.03
N GLY A 49 -3.98 26.13 8.64
CA GLY A 49 -3.62 24.77 8.37
C GLY A 49 -2.44 24.32 9.24
N GLY A 50 -1.83 25.26 9.97
CA GLY A 50 -0.83 24.92 10.93
C GLY A 50 0.45 24.36 10.38
N THR A 51 1.17 23.68 11.28
CA THR A 51 2.42 23.05 10.95
C THR A 51 2.25 21.97 9.92
N CYS A 52 1.29 21.06 9.99
CA CYS A 52 1.25 20.03 8.99
C CYS A 52 1.07 20.58 7.57
N VAL A 53 0.11 21.45 7.28
CA VAL A 53 -0.10 21.92 5.91
C VAL A 53 1.10 22.74 5.41
N ASN A 54 1.66 23.65 6.23
CA ASN A 54 2.67 24.59 5.76
C ASN A 54 4.11 24.14 5.84
N VAL A 55 4.49 23.53 6.94
CA VAL A 55 5.86 23.17 7.14
C VAL A 55 6.00 21.82 7.81
N GLY A 56 5.13 20.89 7.48
CA GLY A 56 5.17 19.57 8.08
C GLY A 56 4.71 18.46 7.17
N CYS A 57 3.73 17.63 7.54
CA CYS A 57 3.34 16.50 6.72
C CYS A 57 3.22 16.69 5.21
N VAL A 58 2.43 17.69 4.75
CA VAL A 58 2.14 17.85 3.32
C VAL A 58 3.36 18.27 2.52
N PRO A 59 4.11 19.38 2.75
CA PRO A 59 5.34 19.64 2.04
C PRO A 59 6.37 18.51 2.14
N LYS A 60 6.61 17.95 3.32
CA LYS A 60 7.59 16.90 3.49
C LYS A 60 7.23 15.72 2.60
N LYS A 61 5.98 15.22 2.55
CA LYS A 61 5.64 14.09 1.69
C LYS A 61 5.87 14.41 0.22
N LEU A 62 5.59 15.65 -0.27
CA LEU A 62 5.84 16.00 -1.66
C LEU A 62 7.33 15.94 -1.95
N MET A 63 8.13 16.51 -1.06
CA MET A 63 9.57 16.46 -1.26
C MET A 63 10.10 15.03 -1.16
N VAL A 64 9.47 14.17 -0.35
CA VAL A 64 9.87 12.76 -0.30
C VAL A 64 9.47 12.07 -1.61
N THR A 65 8.32 12.40 -2.19
CA THR A 65 7.95 11.86 -3.45
C THR A 65 8.95 12.26 -4.52
N GLY A 66 9.42 13.50 -4.55
CA GLY A 66 10.42 13.92 -5.50
C GLY A 66 11.68 13.12 -5.28
N ALA A 67 12.17 13.06 -4.04
CA ALA A 67 13.38 12.31 -3.67
C ALA A 67 13.37 10.87 -4.17
N ASN A 68 12.20 10.22 -4.17
CA ASN A 68 12.10 8.85 -4.63
C ASN A 68 12.50 8.59 -6.06
N TYR A 69 12.30 9.61 -6.85
CA TYR A 69 12.59 9.52 -8.24
C TYR A 69 14.03 9.24 -8.54
N MET A 70 14.97 9.62 -7.67
CA MET A 70 16.35 9.31 -7.88
C MET A 70 16.46 7.79 -8.10
N ASP A 71 15.81 7.01 -7.22
CA ASP A 71 15.80 5.56 -7.26
C ASP A 71 14.92 4.99 -8.34
N THR A 72 13.71 5.49 -8.62
CA THR A 72 12.92 4.87 -9.69
C THR A 72 13.56 5.09 -11.06
N ILE A 73 14.10 6.26 -11.40
CA ILE A 73 14.79 6.47 -12.69
C ILE A 73 16.01 5.53 -12.72
N ARG A 74 16.78 5.35 -11.65
CA ARG A 74 17.88 4.38 -11.62
C ARG A 74 17.48 2.95 -11.95
N GLU A 75 16.41 2.51 -11.31
CA GLU A 75 15.91 1.17 -11.35
C GLU A 75 15.18 0.82 -12.62
N SER A 76 14.74 1.79 -13.44
CA SER A 76 14.02 1.46 -14.66
C SER A 76 14.91 0.77 -15.67
N ALA A 77 16.21 0.95 -15.55
CA ALA A 77 17.16 0.35 -16.44
C ALA A 77 17.06 -1.16 -16.37
N GLY A 78 16.72 -1.81 -15.24
CA GLY A 78 16.66 -3.25 -15.16
C GLY A 78 15.48 -3.79 -15.92
N PHE A 79 14.48 -2.97 -16.14
CA PHE A 79 13.29 -3.39 -16.83
C PHE A 79 13.29 -2.96 -18.30
N GLY A 80 14.45 -2.57 -18.82
CA GLY A 80 14.60 -2.22 -20.22
C GLY A 80 14.38 -0.76 -20.59
N TRP A 81 14.27 0.21 -19.65
CA TRP A 81 14.12 1.61 -20.07
C TRP A 81 15.51 2.21 -20.37
N GLU A 82 15.72 2.74 -21.57
CA GLU A 82 16.98 3.30 -22.03
C GLU A 82 16.85 4.80 -22.09
N LEU A 83 17.80 5.49 -21.47
CA LEU A 83 17.87 6.93 -21.55
C LEU A 83 19.30 7.42 -21.33
N ASP A 84 19.51 8.68 -21.69
CA ASP A 84 20.83 9.27 -21.50
C ASP A 84 21.02 9.51 -20.00
N ARG A 85 21.51 8.45 -19.34
CA ARG A 85 21.70 8.48 -17.91
C ARG A 85 22.65 9.54 -17.46
N GLU A 86 23.45 10.12 -18.35
CA GLU A 86 24.28 11.24 -18.00
C GLU A 86 23.43 12.49 -17.83
N SER A 87 22.32 12.62 -18.54
CA SER A 87 21.59 13.86 -18.55
C SER A 87 20.67 14.09 -17.37
N VAL A 88 20.60 13.12 -16.46
CA VAL A 88 19.67 13.20 -15.33
C VAL A 88 20.16 14.26 -14.36
N ARG A 89 19.36 15.23 -13.93
CA ARG A 89 19.79 16.31 -13.06
C ARG A 89 18.57 16.52 -12.20
N PRO A 90 18.68 16.55 -10.88
CA PRO A 90 17.70 17.15 -10.00
C PRO A 90 17.75 18.65 -10.05
N ASN A 91 16.64 19.31 -9.82
CA ASN A 91 16.57 20.75 -9.81
C ASN A 91 15.66 21.17 -8.64
N TRP A 92 16.35 21.47 -7.54
CA TRP A 92 15.75 21.90 -6.29
C TRP A 92 14.87 23.14 -6.41
N LYS A 93 15.15 24.13 -7.26
CA LYS A 93 14.31 25.33 -7.30
C LYS A 93 12.95 24.98 -7.87
N ALA A 94 12.93 24.07 -8.80
CA ALA A 94 11.69 23.59 -9.34
C ALA A 94 10.94 22.79 -8.30
N LEU A 95 11.59 22.00 -7.44
CA LEU A 95 10.87 21.27 -6.41
C LEU A 95 10.28 22.35 -5.51
N ILE A 96 11.06 23.24 -4.88
CA ILE A 96 10.52 24.26 -3.98
C ILE A 96 9.40 25.10 -4.62
N ALA A 97 9.47 25.49 -5.91
CA ALA A 97 8.37 26.25 -6.54
C ALA A 97 7.05 25.47 -6.55
N ALA A 98 7.06 24.20 -6.97
CA ALA A 98 5.91 23.31 -7.05
C ALA A 98 5.35 23.12 -5.66
N LYS A 99 6.22 22.76 -4.72
CA LYS A 99 5.84 22.61 -3.32
C LYS A 99 5.10 23.86 -2.83
N ASN A 100 5.73 25.03 -3.01
CA ASN A 100 5.15 26.30 -2.61
C ASN A 100 3.82 26.59 -3.20
N LYS A 101 3.55 26.30 -4.48
CA LYS A 101 2.21 26.54 -5.00
C LYS A 101 1.26 25.45 -4.57
N ALA A 102 1.71 24.24 -4.23
CA ALA A 102 0.78 23.25 -3.72
C ALA A 102 0.37 23.73 -2.32
N VAL A 103 1.28 24.15 -1.43
CA VAL A 103 0.89 24.67 -0.12
C VAL A 103 0.02 25.92 -0.19
N SER A 104 0.31 26.92 -1.00
CA SER A 104 -0.54 28.10 -1.06
C SER A 104 -1.96 27.84 -1.53
N GLY A 105 -2.14 26.82 -2.34
CA GLY A 105 -3.48 26.48 -2.71
C GLY A 105 -4.25 25.99 -1.50
N ILE A 106 -3.62 25.24 -0.60
CA ILE A 106 -4.35 24.75 0.53
C ILE A 106 -4.63 25.94 1.43
N ASN A 107 -3.73 26.92 1.58
CA ASN A 107 -4.01 28.12 2.38
C ASN A 107 -5.22 28.84 1.79
N ASP A 108 -5.42 28.85 0.48
CA ASP A 108 -6.55 29.56 -0.10
C ASP A 108 -7.82 28.83 0.21
N SER A 109 -7.80 27.50 0.17
CA SER A 109 -8.96 26.71 0.57
C SER A 109 -9.45 26.96 1.98
N TYR A 110 -8.57 27.04 2.98
CA TYR A 110 -8.95 27.34 4.34
C TYR A 110 -9.57 28.72 4.43
N GLU A 111 -8.97 29.67 3.70
CA GLU A 111 -9.50 31.04 3.59
C GLU A 111 -10.95 31.08 3.12
N GLY A 112 -11.27 30.27 2.14
CA GLY A 112 -12.61 30.18 1.65
C GLY A 112 -13.50 29.61 2.75
N MET A 113 -13.01 28.63 3.48
CA MET A 113 -13.83 28.02 4.49
C MET A 113 -14.24 29.06 5.55
N PHE A 114 -13.35 29.97 5.94
CA PHE A 114 -13.74 31.02 6.88
C PHE A 114 -14.75 31.90 6.19
N ALA A 115 -14.47 32.24 4.95
CA ALA A 115 -15.38 33.05 4.14
C ALA A 115 -16.78 32.44 4.06
N ASP A 116 -16.98 31.12 4.04
CA ASP A 116 -18.35 30.64 3.99
C ASP A 116 -18.82 29.77 5.10
N THR A 117 -18.14 29.71 6.24
CA THR A 117 -18.80 29.04 7.31
C THR A 117 -19.37 30.14 8.19
N GLU A 118 -20.69 30.32 8.15
CA GLU A 118 -21.39 31.29 8.98
C GLU A 118 -21.03 31.10 10.41
N GLY A 119 -20.53 32.13 11.09
CA GLY A 119 -20.19 32.05 12.52
C GLY A 119 -18.69 31.90 12.81
N LEU A 120 -17.91 31.38 11.84
CA LEU A 120 -16.49 31.12 11.96
C LEU A 120 -15.70 32.29 11.43
N THR A 121 -14.79 32.95 12.18
CA THR A 121 -14.01 34.11 11.72
C THR A 121 -12.51 34.00 12.04
N PHE A 122 -11.64 34.44 11.11
CA PHE A 122 -10.19 34.38 11.31
C PHE A 122 -9.82 35.66 12.01
N HIS A 123 -8.91 35.64 12.96
CA HIS A 123 -8.46 36.84 13.65
C HIS A 123 -6.94 36.76 13.55
N GLN A 124 -6.16 37.80 13.31
CA GLN A 124 -4.77 37.59 13.01
C GLN A 124 -3.87 38.34 13.95
N GLY A 125 -2.94 37.68 14.61
CA GLY A 125 -2.08 38.34 15.54
C GLY A 125 -1.65 37.28 16.51
N TRP A 126 -0.99 37.71 17.54
CA TRP A 126 -0.58 36.78 18.55
C TRP A 126 -1.68 36.62 19.56
N GLY A 127 -2.24 35.45 19.86
CA GLY A 127 -3.23 35.35 20.91
C GLY A 127 -2.61 35.14 22.29
N ALA A 128 -3.11 35.83 23.33
CA ALA A 128 -2.60 35.71 24.70
C ALA A 128 -3.78 35.72 25.62
N LEU A 129 -3.71 35.21 26.84
CA LEU A 129 -4.86 35.25 27.72
C LEU A 129 -4.76 36.39 28.70
N GLN A 130 -5.93 36.96 28.98
CA GLN A 130 -6.02 38.03 29.95
C GLN A 130 -6.58 37.52 31.27
N ASP A 131 -7.66 36.76 31.20
CA ASP A 131 -8.26 36.04 32.32
C ASP A 131 -8.97 34.88 31.66
N ASN A 132 -9.58 33.95 32.34
CA ASN A 132 -10.19 32.83 31.67
C ASN A 132 -11.42 33.15 30.80
N HIS A 133 -11.78 34.40 30.55
CA HIS A 133 -12.86 34.70 29.64
C HIS A 133 -12.52 35.76 28.62
N THR A 134 -11.22 36.07 28.42
CA THR A 134 -10.77 37.18 27.57
C THR A 134 -9.44 36.83 26.93
N VAL A 135 -9.44 36.77 25.59
CA VAL A 135 -8.25 36.47 24.83
C VAL A 135 -7.89 37.80 24.18
N LEU A 136 -6.64 38.18 24.32
CA LEU A 136 -6.12 39.32 23.63
C LEU A 136 -5.50 38.94 22.29
N VAL A 137 -5.70 39.71 21.21
CA VAL A 137 -5.03 39.51 19.92
C VAL A 137 -4.04 40.68 19.85
N ARG A 138 -2.77 40.43 20.09
CA ARG A 138 -1.72 41.43 20.05
C ARG A 138 -0.96 41.50 18.75
N GLU A 139 -0.13 42.53 18.68
CA GLU A 139 0.66 42.75 17.51
C GLU A 139 1.82 41.79 17.47
N SER A 140 2.38 41.33 18.58
CA SER A 140 3.48 40.42 18.44
C SER A 140 3.65 39.66 19.72
N ALA A 141 4.62 38.76 19.78
CA ALA A 141 4.82 37.96 20.97
C ALA A 141 5.12 38.73 22.24
N ASP A 142 5.60 39.98 22.10
CA ASP A 142 6.05 40.78 23.23
C ASP A 142 4.88 41.12 24.09
N PRO A 143 4.97 40.89 25.40
CA PRO A 143 3.84 41.05 26.29
C PRO A 143 3.39 42.46 26.29
N ASN A 144 4.26 43.35 25.85
CA ASN A 144 3.94 44.77 25.72
C ASN A 144 3.39 45.18 24.37
N SER A 145 3.11 44.35 23.35
CA SER A 145 2.73 44.93 22.10
C SER A 145 1.26 45.40 22.09
N ALA A 146 0.95 46.24 21.11
CA ALA A 146 -0.36 46.86 21.04
C ALA A 146 -1.40 45.78 20.92
N VAL A 147 -2.48 45.82 21.69
CA VAL A 147 -3.45 44.75 21.56
C VAL A 147 -4.48 45.37 20.66
N LEU A 148 -4.60 44.67 19.56
CA LEU A 148 -5.46 44.94 18.43
C LEU A 148 -6.86 44.45 18.70
N GLU A 149 -7.08 43.40 19.50
CA GLU A 149 -8.45 42.95 19.78
C GLU A 149 -8.51 42.29 21.15
N THR A 150 -9.73 42.22 21.71
CA THR A 150 -10.09 41.62 22.97
C THR A 150 -11.35 40.79 22.70
N LEU A 151 -11.26 39.50 22.95
CA LEU A 151 -12.33 38.58 22.66
C LEU A 151 -12.85 38.05 23.98
N ASP A 152 -14.16 38.20 24.05
CA ASP A 152 -14.85 37.86 25.27
C ASP A 152 -15.46 36.52 24.88
N THR A 153 -15.01 35.46 25.57
CA THR A 153 -15.43 34.12 25.21
C THR A 153 -15.87 33.31 26.42
N GLU A 154 -16.62 32.33 26.06
CA GLU A 154 -17.08 31.37 26.97
C GLU A 154 -16.02 30.29 27.15
N TYR A 155 -15.57 29.72 26.04
CA TYR A 155 -14.56 28.69 26.06
C TYR A 155 -13.37 29.17 25.27
N ILE A 156 -12.22 28.77 25.81
CA ILE A 156 -10.93 29.01 25.21
C ILE A 156 -10.42 27.62 24.92
N LEU A 157 -9.91 27.38 23.71
CA LEU A 157 -9.28 26.13 23.32
C LEU A 157 -7.87 26.52 22.94
N LEU A 158 -6.81 25.95 23.49
CA LEU A 158 -5.43 26.26 23.16
C LEU A 158 -4.86 25.22 22.21
N ALA A 159 -4.61 25.51 20.96
CA ALA A 159 -4.13 24.60 19.95
C ALA A 159 -2.93 25.18 19.19
N THR A 160 -1.93 25.59 19.97
CA THR A 160 -0.79 26.27 19.44
C THR A 160 0.33 25.41 18.92
N GLY A 161 0.28 24.08 19.01
CA GLY A 161 1.36 23.27 18.42
C GLY A 161 2.66 23.28 19.20
N SER A 162 3.76 22.98 18.54
CA SER A 162 5.08 22.91 19.11
C SER A 162 6.11 23.66 18.27
N TRP A 163 7.44 23.60 18.53
CA TRP A 163 8.43 24.34 17.75
C TRP A 163 9.80 23.65 17.80
N PRO A 164 10.73 23.78 16.85
CA PRO A 164 12.00 23.12 16.87
C PRO A 164 12.85 23.32 18.12
N GLN A 165 13.51 22.33 18.67
CA GLN A 165 14.36 22.58 19.81
C GLN A 165 15.77 22.91 19.29
N HIS A 166 16.61 23.69 19.99
CA HIS A 166 17.97 24.03 19.58
C HIS A 166 18.95 23.42 20.53
N LEU A 167 20.19 23.25 20.11
CA LEU A 167 21.27 22.69 20.92
C LEU A 167 21.75 23.89 21.70
N GLY A 168 22.36 23.74 22.85
CA GLY A 168 22.88 24.95 23.46
C GLY A 168 24.19 25.45 22.85
N ILE A 169 24.81 24.65 21.98
CA ILE A 169 26.19 24.88 21.50
C ILE A 169 26.52 26.24 20.92
N GLU A 170 27.83 26.47 20.97
CA GLU A 170 28.37 27.62 20.28
C GLU A 170 28.20 27.28 18.79
N GLY A 171 27.48 28.14 18.07
CA GLY A 171 27.29 27.96 16.64
C GLY A 171 25.86 27.69 16.26
N ASP A 172 24.99 27.51 17.25
CA ASP A 172 23.63 27.10 17.01
C ASP A 172 22.81 27.95 16.06
N ASP A 173 23.21 29.22 15.99
CA ASP A 173 22.57 30.19 15.13
C ASP A 173 23.00 30.06 13.67
N LEU A 174 24.09 29.34 13.46
CA LEU A 174 24.49 29.04 12.13
C LEU A 174 23.73 27.80 11.65
N CYS A 175 23.07 27.01 12.50
CA CYS A 175 22.37 25.87 12.01
C CYS A 175 20.94 26.20 11.64
N ILE A 176 20.36 25.49 10.68
CA ILE A 176 18.95 25.67 10.42
C ILE A 176 18.09 24.58 11.08
N THR A 177 16.76 24.68 11.13
CA THR A 177 15.88 23.63 11.60
C THR A 177 14.95 23.29 10.42
N SER A 178 14.07 22.29 10.48
CA SER A 178 13.27 21.96 9.31
C SER A 178 12.43 23.08 8.73
N ASN A 179 12.09 24.17 9.43
CA ASN A 179 11.23 25.23 8.91
C ASN A 179 11.90 25.95 7.75
N GLU A 180 13.20 26.11 7.91
CA GLU A 180 13.99 26.81 6.95
C GLU A 180 14.37 25.87 5.85
N ALA A 181 14.56 24.59 6.16
CA ALA A 181 14.85 23.62 5.13
C ALA A 181 13.82 23.61 4.01
N PHE A 182 12.54 23.85 4.26
CA PHE A 182 11.51 23.94 3.25
C PHE A 182 11.72 25.14 2.37
N TYR A 183 12.56 26.06 2.75
CA TYR A 183 12.71 27.32 2.03
C TYR A 183 14.13 27.50 1.51
N LEU A 184 15.03 26.52 1.58
CA LEU A 184 16.39 26.68 1.08
C LEU A 184 16.40 27.07 -0.37
N ASP A 185 17.13 28.07 -0.88
CA ASP A 185 17.06 28.35 -2.32
C ASP A 185 17.99 27.50 -3.16
N GLU A 186 18.68 26.57 -2.53
CA GLU A 186 19.70 25.86 -3.22
C GLU A 186 19.84 24.61 -2.40
N ALA A 187 19.79 23.46 -3.07
CA ALA A 187 19.92 22.20 -2.37
C ALA A 187 21.35 22.15 -1.86
N PRO A 188 21.65 21.72 -0.64
CA PRO A 188 23.02 21.70 -0.13
C PRO A 188 23.95 20.69 -0.83
N LYS A 189 25.27 20.90 -1.03
CA LYS A 189 26.09 19.88 -1.67
C LYS A 189 26.45 18.81 -0.69
N ARG A 190 26.89 19.34 0.44
CA ARG A 190 27.24 18.58 1.65
C ARG A 190 26.27 19.03 2.74
N ALA A 191 25.63 18.11 3.47
CA ALA A 191 24.66 18.48 4.50
C ALA A 191 24.71 17.47 5.62
N LEU A 192 24.44 18.00 6.80
CA LEU A 192 24.43 17.21 8.01
C LEU A 192 23.07 17.30 8.67
N CYS A 193 22.40 16.20 8.96
CA CYS A 193 21.19 16.27 9.75
C CYS A 193 21.59 15.80 11.13
N VAL A 194 21.27 16.51 12.23
CA VAL A 194 21.65 15.99 13.53
C VAL A 194 20.34 15.65 14.23
N GLY A 195 20.27 14.45 14.75
CA GLY A 195 19.10 13.97 15.43
C GLY A 195 18.87 12.58 14.91
N GLY A 196 18.17 11.67 15.58
CA GLY A 196 17.95 10.34 15.05
C GLY A 196 16.46 10.03 14.94
N GLY A 197 15.62 11.03 14.76
CA GLY A 197 14.19 10.80 14.70
C GLY A 197 13.65 10.73 13.31
N TYR A 198 12.33 10.74 13.19
CA TYR A 198 11.74 10.62 11.89
C TYR A 198 11.97 11.86 11.06
N ILE A 199 12.00 13.09 11.59
CA ILE A 199 12.18 14.29 10.75
C ILE A 199 13.55 14.29 10.12
N SER A 200 14.54 13.87 10.92
CA SER A 200 15.94 13.81 10.52
C SER A 200 16.20 12.78 9.43
N ILE A 201 15.74 11.55 9.61
CA ILE A 201 15.96 10.49 8.67
C ILE A 201 15.25 10.78 7.35
N GLU A 202 14.12 11.47 7.48
CA GLU A 202 13.34 11.95 6.34
C GLU A 202 14.08 13.02 5.59
N PHE A 203 14.62 14.07 6.21
CA PHE A 203 15.41 15.03 5.47
C PHE A 203 16.72 14.48 4.96
N ALA A 204 17.33 13.45 5.57
CA ALA A 204 18.54 12.90 4.96
C ALA A 204 18.13 12.31 3.61
N GLY A 205 16.94 11.72 3.46
CA GLY A 205 16.53 11.17 2.20
C GLY A 205 16.38 12.24 1.13
N ILE A 206 15.80 13.38 1.50
CA ILE A 206 15.52 14.48 0.57
C ILE A 206 16.81 15.16 0.05
N PHE A 207 17.66 15.58 0.99
CA PHE A 207 18.93 16.15 0.63
C PHE A 207 19.79 15.16 -0.19
N ASN A 208 19.76 13.88 0.15
CA ASN A 208 20.51 12.87 -0.57
C ASN A 208 20.04 12.79 -1.99
N ALA A 209 18.75 12.99 -2.34
CA ALA A 209 18.36 12.88 -3.75
C ALA A 209 18.72 14.11 -4.53
N TYR A 210 18.59 15.29 -3.88
CA TYR A 210 18.76 16.53 -4.61
C TYR A 210 20.12 17.11 -4.56
N LYS A 211 21.08 16.51 -3.85
CA LYS A 211 22.42 17.06 -3.79
C LYS A 211 23.07 17.07 -5.16
N ALA A 212 24.07 17.89 -5.32
CA ALA A 212 24.86 17.91 -6.55
C ALA A 212 25.72 16.66 -6.58
N ARG A 213 26.29 16.33 -7.74
CA ARG A 213 26.91 15.03 -7.92
C ARG A 213 27.93 14.49 -6.94
N GLY A 214 28.91 15.20 -6.45
CA GLY A 214 29.75 14.55 -5.46
C GLY A 214 29.28 14.84 -4.04
N GLY A 215 28.03 15.15 -3.80
CA GLY A 215 27.65 15.58 -2.48
C GLY A 215 27.68 14.45 -1.46
N GLN A 216 27.46 14.85 -0.22
CA GLN A 216 27.46 13.90 0.86
C GLN A 216 26.43 14.37 1.83
N VAL A 217 25.67 13.44 2.35
CA VAL A 217 24.76 13.72 3.42
C VAL A 217 25.17 12.74 4.52
N ASP A 218 25.39 13.34 5.70
CA ASP A 218 25.73 12.68 6.95
C ASP A 218 24.58 12.90 7.92
N LEU A 219 24.15 11.91 8.66
CA LEU A 219 23.13 12.06 9.71
C LEU A 219 23.93 11.73 10.96
N ALA A 220 24.04 12.63 11.91
CA ALA A 220 24.76 12.37 13.15
C ALA A 220 23.72 12.15 14.23
N TYR A 221 23.94 11.24 15.16
CA TYR A 221 22.99 11.01 16.23
C TYR A 221 23.78 10.43 17.39
N ARG A 222 23.54 10.97 18.59
CA ARG A 222 24.29 10.58 19.78
C ARG A 222 24.12 9.16 20.37
N GLY A 223 23.05 8.46 20.04
CA GLY A 223 22.84 7.14 20.57
C GLY A 223 23.62 6.10 19.79
N ASP A 224 23.24 4.90 20.20
CA ASP A 224 23.82 3.67 19.75
C ASP A 224 23.22 3.42 18.38
N MET A 225 21.92 3.53 18.16
CA MET A 225 21.30 3.31 16.87
C MET A 225 20.06 4.22 16.68
N ILE A 226 19.84 4.65 15.43
CA ILE A 226 18.81 5.64 15.13
C ILE A 226 17.39 5.15 15.40
N LEU A 227 16.47 6.10 15.53
CA LEU A 227 15.06 5.83 15.69
C LEU A 227 14.76 4.94 16.88
N ARG A 228 15.32 5.52 17.96
CA ARG A 228 14.96 5.05 19.29
C ARG A 228 13.45 4.87 19.44
N GLY A 229 13.00 3.82 20.09
CA GLY A 229 11.59 3.61 20.25
C GLY A 229 11.08 2.69 19.17
N PHE A 230 11.75 2.43 18.05
CA PHE A 230 11.19 1.51 17.13
C PHE A 230 11.77 0.15 17.32
N ASP A 231 11.26 -0.74 16.48
CA ASP A 231 11.68 -2.13 16.41
C ASP A 231 13.17 -2.25 16.18
N SER A 232 13.90 -2.92 17.06
CA SER A 232 15.34 -3.07 16.92
C SER A 232 15.89 -3.62 15.64
N GLU A 233 15.23 -4.65 15.10
CA GLU A 233 15.69 -5.23 13.83
C GLU A 233 15.54 -4.28 12.67
N LEU A 234 14.41 -3.58 12.71
CA LEU A 234 14.01 -2.67 11.67
C LEU A 234 14.93 -1.47 11.72
N ARG A 235 15.42 -1.06 12.88
CA ARG A 235 16.37 0.01 12.90
C ARG A 235 17.68 -0.48 12.32
N LYS A 236 18.09 -1.76 12.45
CA LYS A 236 19.34 -2.24 11.83
C LYS A 236 19.17 -2.27 10.32
N GLN A 237 18.10 -2.88 9.82
CA GLN A 237 17.88 -2.86 8.39
C GLN A 237 17.77 -1.46 7.81
N LEU A 238 16.99 -0.53 8.40
CA LEU A 238 16.96 0.81 7.89
C LEU A 238 18.33 1.46 7.90
N THR A 239 19.17 1.28 8.94
CA THR A 239 20.49 1.89 8.89
C THR A 239 21.31 1.32 7.73
N GLU A 240 21.27 0.00 7.46
CA GLU A 240 22.09 -0.49 6.39
C GLU A 240 21.56 0.00 5.08
N GLN A 241 20.25 0.10 4.86
CA GLN A 241 19.71 0.58 3.58
C GLN A 241 19.87 2.06 3.31
N LEU A 242 19.99 2.85 4.37
CA LEU A 242 20.25 4.27 4.29
C LEU A 242 21.69 4.41 3.75
N ARG A 243 22.60 3.70 4.45
CA ARG A 243 24.00 3.62 4.06
C ARG A 243 24.14 3.11 2.65
N ALA A 244 23.44 2.03 2.26
CA ALA A 244 23.57 1.47 0.92
C ALA A 244 23.16 2.49 -0.12
N ASN A 245 22.34 3.49 0.22
CA ASN A 245 21.96 4.44 -0.79
C ASN A 245 22.81 5.69 -0.72
N GLY A 246 23.89 5.73 0.05
CA GLY A 246 24.82 6.84 0.16
C GLY A 246 24.75 7.78 1.38
N ILE A 247 23.88 7.52 2.36
CA ILE A 247 23.81 8.42 3.49
C ILE A 247 24.75 7.84 4.51
N ASN A 248 25.63 8.69 5.00
CA ASN A 248 26.59 8.34 6.01
C ASN A 248 26.03 8.52 7.42
N VAL A 249 25.75 7.40 8.06
CA VAL A 249 25.16 7.38 9.36
C VAL A 249 26.24 7.35 10.42
N ARG A 250 26.41 8.47 11.09
CA ARG A 250 27.41 8.57 12.14
C ARG A 250 26.74 8.41 13.49
N THR A 251 26.76 7.25 14.14
CA THR A 251 26.11 7.15 15.43
C THR A 251 27.14 7.45 16.51
N HIS A 252 26.71 7.66 17.76
CA HIS A 252 27.56 8.09 18.86
C HIS A 252 28.33 9.32 18.46
N GLU A 253 27.61 10.21 17.81
CA GLU A 253 28.18 11.43 17.27
C GLU A 253 27.24 12.57 17.65
N ASN A 254 27.77 13.73 18.05
CA ASN A 254 26.94 14.87 18.40
C ASN A 254 27.83 16.08 18.12
N PRO A 255 27.39 17.16 17.48
CA PRO A 255 28.14 18.37 17.34
C PRO A 255 28.43 18.96 18.69
N ALA A 256 29.57 19.63 18.67
CA ALA A 256 30.11 20.32 19.82
C ALA A 256 30.22 21.82 19.62
N LYS A 257 30.62 22.26 18.43
CA LYS A 257 30.81 23.67 18.13
C LYS A 257 30.64 23.78 16.63
N VAL A 258 29.91 24.78 16.18
CA VAL A 258 29.77 25.07 14.76
C VAL A 258 30.39 26.45 14.58
N THR A 259 31.11 26.64 13.48
CA THR A 259 31.79 27.90 13.17
C THR A 259 31.69 28.21 11.69
N LYS A 260 31.80 29.43 11.24
CA LYS A 260 31.59 29.76 9.83
C LYS A 260 32.89 29.81 9.07
N ASN A 261 33.02 29.09 7.97
CA ASN A 261 34.22 29.24 7.18
C ASN A 261 34.02 30.46 6.29
N ALA A 262 35.17 30.95 5.80
CA ALA A 262 35.24 32.13 4.95
C ALA A 262 34.33 32.04 3.75
N ASP A 263 34.40 30.86 3.11
CA ASP A 263 33.59 30.54 1.93
C ASP A 263 32.10 30.48 2.19
N GLY A 264 31.67 30.54 3.45
CA GLY A 264 30.26 30.46 3.76
C GLY A 264 29.89 29.18 4.47
N THR A 265 30.44 28.06 4.01
CA THR A 265 30.07 26.81 4.61
C THR A 265 30.48 26.77 6.05
N ARG A 266 29.80 25.92 6.80
CA ARG A 266 29.93 25.73 8.23
C ARG A 266 30.97 24.70 8.63
N HIS A 267 31.66 24.85 9.74
CA HIS A 267 32.67 23.90 10.11
C HIS A 267 32.14 23.33 11.39
N VAL A 268 31.98 22.01 11.51
CA VAL A 268 31.42 21.43 12.70
C VAL A 268 32.56 20.63 13.27
N VAL A 269 32.65 20.70 14.59
CA VAL A 269 33.58 19.89 15.36
C VAL A 269 32.64 19.08 16.25
N PHE A 270 32.74 17.78 16.12
CA PHE A 270 31.99 16.86 16.89
C PHE A 270 32.63 16.77 18.24
N GLU A 271 31.83 16.34 19.20
CA GLU A 271 32.28 16.09 20.54
C GLU A 271 33.36 15.00 20.48
N SER A 272 33.37 14.14 19.47
CA SER A 272 34.40 13.12 19.37
C SER A 272 35.74 13.76 19.03
N GLY A 273 35.72 15.05 18.70
CA GLY A 273 36.90 15.71 18.22
C GLY A 273 36.93 15.57 16.71
N ALA A 274 36.08 14.73 16.09
CA ALA A 274 36.00 14.64 14.66
C ALA A 274 35.54 16.00 14.16
N GLU A 275 35.91 16.45 12.95
CA GLU A 275 35.45 17.75 12.46
C GLU A 275 35.18 17.58 10.97
N ALA A 276 34.33 18.41 10.39
CA ALA A 276 34.01 18.37 8.97
C ALA A 276 33.42 19.71 8.63
N ASP A 277 32.98 19.93 7.41
CA ASP A 277 32.49 21.24 6.97
C ASP A 277 31.26 21.00 6.14
N TYR A 278 30.19 21.78 6.15
CA TYR A 278 29.00 21.45 5.37
C TYR A 278 28.33 22.72 4.94
N ASP A 279 27.51 22.64 3.88
CA ASP A 279 26.77 23.78 3.40
C ASP A 279 25.63 24.13 4.36
N VAL A 280 24.95 23.08 4.83
CA VAL A 280 23.81 23.14 5.72
C VAL A 280 24.07 22.16 6.86
N VAL A 281 23.72 22.60 8.08
CA VAL A 281 23.70 21.83 9.32
C VAL A 281 22.25 22.03 9.77
N MET A 282 21.43 20.97 9.68
CA MET A 282 20.04 21.01 10.12
C MET A 282 19.91 20.19 11.40
N LEU A 283 19.24 20.83 12.34
CA LEU A 283 19.00 20.31 13.68
C LEU A 283 17.62 19.69 13.82
N ALA A 284 17.44 18.36 13.92
CA ALA A 284 16.11 17.83 14.15
C ALA A 284 16.08 16.87 15.35
N ILE A 285 16.33 17.54 16.51
CA ILE A 285 16.48 16.94 17.84
C ILE A 285 15.32 17.15 18.84
N GLY A 286 14.07 17.37 18.46
CA GLY A 286 13.04 17.56 19.45
C GLY A 286 12.11 18.69 19.07
N ARG A 287 10.87 18.68 19.59
CA ARG A 287 9.86 19.70 19.35
C ARG A 287 9.29 20.07 20.72
N VAL A 288 9.37 21.33 21.08
CA VAL A 288 8.94 21.80 22.38
C VAL A 288 7.46 22.18 22.29
N PRO A 289 6.57 21.88 23.25
CA PRO A 289 5.24 22.50 23.38
C PRO A 289 5.30 24.02 23.28
N ARG A 290 4.49 24.66 22.43
CA ARG A 290 4.59 26.10 22.21
C ARG A 290 3.55 26.85 23.01
N SER A 291 3.90 27.11 24.26
CA SER A 291 2.96 27.72 25.19
C SER A 291 3.39 28.94 25.99
N GLN A 292 4.62 29.34 25.73
CA GLN A 292 5.32 30.32 26.53
C GLN A 292 4.85 31.74 26.34
N THR A 293 4.30 32.15 25.21
CA THR A 293 3.92 33.54 25.03
C THR A 293 2.43 33.77 25.26
N LEU A 294 1.80 32.73 25.82
CA LEU A 294 0.38 32.74 26.03
C LEU A 294 -0.14 33.38 27.31
N GLN A 295 0.72 33.54 28.35
CA GLN A 295 0.34 34.13 29.63
C GLN A 295 -0.77 33.32 30.29
N LEU A 296 -0.43 32.05 30.50
CA LEU A 296 -1.29 31.03 31.09
C LEU A 296 -1.43 31.19 32.58
N ASP A 297 -0.54 31.93 33.17
CA ASP A 297 -0.49 32.28 34.59
C ASP A 297 -1.66 33.24 34.83
N LYS A 298 -2.01 34.17 33.93
CA LYS A 298 -3.13 35.09 34.09
C LYS A 298 -4.45 34.36 34.29
N ALA A 299 -4.59 33.23 33.60
CA ALA A 299 -5.79 32.45 33.78
C ALA A 299 -5.52 31.29 34.78
N GLY A 300 -4.31 31.17 35.30
CA GLY A 300 -3.93 30.13 36.24
C GLY A 300 -3.74 28.76 35.62
N VAL A 301 -3.56 28.59 34.31
CA VAL A 301 -3.38 27.29 33.70
C VAL A 301 -2.01 26.78 34.01
N GLU A 302 -2.06 25.54 34.44
CA GLU A 302 -0.87 24.81 34.78
C GLU A 302 -0.26 24.10 33.62
N VAL A 303 1.06 24.17 33.55
CA VAL A 303 1.83 23.53 32.52
C VAL A 303 2.94 22.73 33.16
N ALA A 304 3.27 21.66 32.48
CA ALA A 304 4.33 20.76 32.80
C ALA A 304 5.60 21.53 32.61
N LYS A 305 6.53 21.00 33.32
CA LYS A 305 7.89 21.47 33.30
C LYS A 305 8.50 21.66 31.92
N ASN A 306 8.11 20.97 30.86
CA ASN A 306 8.63 21.25 29.53
C ASN A 306 7.70 22.18 28.72
N GLY A 307 6.76 22.88 29.36
CA GLY A 307 5.85 23.73 28.64
C GLY A 307 4.64 22.97 28.22
N ALA A 308 4.57 21.63 28.30
CA ALA A 308 3.34 20.92 27.94
C ALA A 308 2.17 21.38 28.82
N ILE A 309 1.02 21.82 28.29
CA ILE A 309 -0.16 22.18 29.06
C ILE A 309 -0.73 20.86 29.59
N LYS A 310 -0.90 20.69 30.91
CA LYS A 310 -1.39 19.49 31.54
C LYS A 310 -2.88 19.39 31.28
N VAL A 311 -3.43 18.29 30.77
CA VAL A 311 -4.85 18.12 30.48
C VAL A 311 -5.37 16.78 30.96
N ASP A 312 -6.68 16.59 31.07
CA ASP A 312 -7.19 15.31 31.47
C ASP A 312 -7.65 14.48 30.27
N ALA A 313 -8.37 13.37 30.43
CA ALA A 313 -8.81 12.51 29.33
C ALA A 313 -9.66 13.23 28.29
N TYR A 314 -10.32 14.26 28.79
CA TYR A 314 -11.19 15.05 27.98
C TYR A 314 -10.55 16.34 27.50
N SER A 315 -9.22 16.42 27.55
CA SER A 315 -8.46 17.60 27.16
C SER A 315 -8.76 18.88 27.92
N LYS A 316 -9.43 18.79 29.06
CA LYS A 316 -9.75 19.96 29.83
C LYS A 316 -8.53 20.33 30.65
N THR A 317 -8.26 21.63 30.91
CA THR A 317 -7.12 21.99 31.77
C THR A 317 -7.62 22.00 33.22
N ASN A 318 -6.79 22.45 34.17
CA ASN A 318 -7.29 22.57 35.52
C ASN A 318 -8.20 23.77 35.61
N VAL A 319 -8.48 24.56 34.60
CA VAL A 319 -9.40 25.68 34.71
C VAL A 319 -10.49 25.11 33.84
N ASP A 320 -11.66 24.96 34.40
CA ASP A 320 -12.76 24.30 33.72
C ASP A 320 -13.27 24.77 32.37
N ASN A 321 -12.99 25.97 31.85
CA ASN A 321 -13.54 26.32 30.54
C ASN A 321 -12.36 26.49 29.56
N ILE A 322 -11.16 26.04 29.93
CA ILE A 322 -10.06 26.14 29.02
C ILE A 322 -9.65 24.73 28.68
N TYR A 323 -9.47 24.39 27.41
CA TYR A 323 -9.04 23.05 27.01
C TYR A 323 -7.79 23.13 26.14
N ALA A 324 -6.99 22.07 25.97
CA ALA A 324 -5.83 22.11 25.08
C ALA A 324 -5.76 20.85 24.22
N ILE A 325 -5.34 20.88 22.96
CA ILE A 325 -5.29 19.67 22.16
C ILE A 325 -4.05 19.79 21.32
N GLY A 326 -3.76 18.78 20.54
CA GLY A 326 -2.59 18.77 19.67
C GLY A 326 -1.26 18.76 20.39
N ASP A 327 -0.16 19.20 19.74
CA ASP A 327 1.16 19.03 20.29
C ASP A 327 1.49 19.78 21.53
N VAL A 328 0.68 20.78 21.91
CA VAL A 328 0.92 21.58 23.10
C VAL A 328 0.65 20.81 24.38
N THR A 329 -0.07 19.68 24.31
CA THR A 329 -0.36 18.84 25.46
C THR A 329 0.69 17.73 25.62
N ASP A 330 1.49 17.56 24.56
CA ASP A 330 2.52 16.55 24.47
C ASP A 330 2.06 15.10 24.66
N ARG A 331 0.91 14.67 24.13
CA ARG A 331 0.48 13.30 24.26
C ARG A 331 1.05 12.57 23.04
N VAL A 332 0.40 12.45 21.87
CA VAL A 332 1.05 11.81 20.71
C VAL A 332 1.21 12.93 19.70
N MET A 333 2.37 13.30 19.18
CA MET A 333 2.36 14.48 18.31
C MET A 333 2.07 14.14 16.86
N LEU A 334 0.85 13.95 16.37
CA LEU A 334 0.67 13.62 14.96
C LEU A 334 -0.60 14.35 14.55
N THR A 335 -0.73 14.75 13.29
CA THR A 335 -1.92 15.47 12.86
C THR A 335 -3.20 14.71 13.14
N PRO A 336 -3.34 13.41 12.80
CA PRO A 336 -4.59 12.69 12.97
C PRO A 336 -4.93 12.57 14.46
N VAL A 337 -3.92 12.61 15.36
CA VAL A 337 -4.23 12.54 16.77
C VAL A 337 -4.77 13.89 17.25
N ALA A 338 -4.28 15.03 16.73
CA ALA A 338 -4.84 16.34 17.03
C ALA A 338 -6.25 16.51 16.45
N ILE A 339 -6.51 15.99 15.24
CA ILE A 339 -7.83 16.08 14.64
C ILE A 339 -8.85 15.33 15.48
N ASN A 340 -8.48 14.11 15.91
CA ASN A 340 -9.39 13.31 16.70
C ASN A 340 -9.74 14.00 18.02
N GLU A 341 -8.71 14.53 18.64
CA GLU A 341 -8.82 15.29 19.86
C GLU A 341 -9.71 16.52 19.71
N GLY A 342 -9.60 17.20 18.53
CA GLY A 342 -10.41 18.37 18.22
C GLY A 342 -11.87 17.95 18.12
N ALA A 343 -12.20 16.95 17.33
CA ALA A 343 -13.54 16.47 17.17
C ALA A 343 -14.12 15.94 18.47
N ALA A 344 -13.34 15.22 19.27
CA ALA A 344 -13.80 14.74 20.56
C ALA A 344 -14.15 15.91 21.46
N PHE A 345 -13.31 16.96 21.48
CA PHE A 345 -13.61 18.19 22.23
C PHE A 345 -14.95 18.77 21.83
N VAL A 346 -15.24 19.02 20.54
CA VAL A 346 -16.57 19.58 20.23
C VAL A 346 -17.73 18.62 20.60
N ASP A 347 -17.58 17.28 20.57
CA ASP A 347 -18.64 16.35 20.95
C ASP A 347 -18.92 16.49 22.44
N THR A 348 -17.87 16.30 23.25
CA THR A 348 -17.96 16.48 24.68
C THR A 348 -18.62 17.76 25.10
N VAL A 349 -18.14 18.92 24.68
CA VAL A 349 -18.69 20.17 25.14
C VAL A 349 -19.96 20.69 24.48
N PHE A 350 -20.07 20.64 23.16
CA PHE A 350 -21.20 21.24 22.48
C PHE A 350 -22.18 20.20 21.99
N ALA A 351 -21.81 18.94 21.82
CA ALA A 351 -22.75 18.00 21.29
C ALA A 351 -23.27 17.05 22.32
N ASN A 352 -22.91 17.30 23.59
CA ASN A 352 -23.10 16.39 24.70
C ASN A 352 -23.07 14.90 24.34
N LYS A 353 -21.85 14.65 23.86
CA LYS A 353 -21.37 13.34 23.46
C LYS A 353 -19.96 13.14 24.00
N PRO A 354 -19.76 12.83 25.29
CA PRO A 354 -18.45 12.82 25.90
C PRO A 354 -17.59 11.73 25.28
N ARG A 355 -16.38 12.08 24.87
CA ARG A 355 -15.51 11.20 24.13
C ARG A 355 -14.09 11.53 24.59
N ALA A 356 -13.32 10.59 25.10
CA ALA A 356 -11.93 10.81 25.39
C ALA A 356 -11.23 10.22 24.16
N THR A 357 -10.15 10.79 23.62
CA THR A 357 -9.52 10.18 22.49
C THR A 357 -8.64 9.08 23.03
N ASP A 358 -8.60 7.94 22.34
CA ASP A 358 -7.76 6.83 22.78
C ASP A 358 -6.43 7.03 22.11
N HIS A 359 -5.36 7.01 22.90
CA HIS A 359 -4.05 7.25 22.33
C HIS A 359 -3.28 5.95 22.26
N THR A 360 -3.89 4.77 22.42
CA THR A 360 -3.13 3.54 22.26
C THR A 360 -3.32 2.96 20.85
N LYS A 361 -2.28 2.22 20.46
CA LYS A 361 -2.24 1.57 19.14
C LYS A 361 -2.50 2.51 17.98
N VAL A 362 -1.97 3.75 18.05
CA VAL A 362 -2.02 4.70 16.92
C VAL A 362 -0.91 4.26 15.97
N ALA A 363 -1.23 4.05 14.72
CA ALA A 363 -0.25 3.66 13.73
C ALA A 363 0.68 4.81 13.36
N CYS A 364 1.91 4.64 12.90
CA CYS A 364 2.60 5.77 12.28
C CYS A 364 3.59 5.27 11.26
N ALA A 365 3.73 6.10 10.26
CA ALA A 365 4.63 5.87 9.19
C ALA A 365 5.84 6.78 9.25
N VAL A 366 7.04 6.29 8.95
CA VAL A 366 8.22 7.12 8.82
C VAL A 366 8.47 7.16 7.29
N PHE A 367 8.34 8.31 6.57
CA PHE A 367 8.60 8.34 5.15
C PHE A 367 10.06 8.49 4.77
N SER A 368 10.87 7.53 5.23
CA SER A 368 12.27 7.48 4.86
C SER A 368 12.33 6.83 3.50
N ILE A 369 13.49 6.49 2.91
CA ILE A 369 13.51 5.78 1.64
C ILE A 369 14.48 4.63 1.98
N PRO A 370 14.01 3.40 2.26
CA PRO A 370 12.61 2.95 2.18
C PRO A 370 11.78 3.30 3.41
N PRO A 371 10.45 3.37 3.30
CA PRO A 371 9.59 3.72 4.42
C PRO A 371 9.32 2.62 5.45
N MET A 372 8.65 2.97 6.54
CA MET A 372 8.32 2.08 7.64
C MET A 372 6.89 2.38 8.02
N GLY A 373 6.23 1.33 8.47
CA GLY A 373 4.83 1.34 8.87
C GLY A 373 4.81 0.57 10.19
N VAL A 374 4.32 1.18 11.26
CA VAL A 374 4.46 0.65 12.60
C VAL A 374 3.17 0.84 13.43
N CYS A 375 2.70 -0.13 14.23
CA CYS A 375 1.56 0.08 15.09
C CYS A 375 1.65 -0.89 16.24
N GLY A 376 1.50 -0.42 17.49
CA GLY A 376 1.48 -1.27 18.66
C GLY A 376 2.86 -1.38 19.27
N TYR A 377 3.02 -2.38 20.16
CA TYR A 377 4.26 -2.60 20.91
C TYR A 377 5.37 -3.39 20.25
N VAL A 378 6.54 -2.87 20.58
CA VAL A 378 7.89 -3.34 20.31
C VAL A 378 8.08 -4.54 21.24
N GLU A 379 8.84 -5.59 20.94
CA GLU A 379 8.85 -6.80 21.77
C GLU A 379 9.47 -6.59 23.14
N GLU A 380 10.44 -5.68 23.26
CA GLU A 380 11.09 -5.45 24.52
C GLU A 380 10.11 -4.81 25.49
N ASP A 381 9.15 -4.01 25.01
CA ASP A 381 8.13 -3.55 25.91
C ASP A 381 7.15 -4.68 26.24
N ALA A 382 6.63 -5.38 25.24
CA ALA A 382 5.73 -6.47 25.49
C ALA A 382 6.29 -7.49 26.47
N ALA A 383 7.55 -7.81 26.40
CA ALA A 383 8.22 -8.70 27.34
C ALA A 383 8.17 -8.24 28.79
N LYS A 384 8.15 -6.94 29.07
CA LYS A 384 8.03 -6.48 30.44
C LYS A 384 6.58 -6.51 30.94
N LYS A 385 5.60 -6.46 30.03
CA LYS A 385 4.19 -6.44 30.38
C LYS A 385 3.45 -7.78 30.30
N TYR A 386 3.97 -8.87 29.72
CA TYR A 386 3.22 -10.11 29.51
C TYR A 386 4.16 -11.29 29.79
N ASP A 387 3.76 -12.45 30.33
CA ASP A 387 4.76 -13.50 30.62
C ASP A 387 5.17 -14.30 29.43
N GLN A 388 4.43 -14.19 28.35
CA GLN A 388 4.63 -15.03 27.20
C GLN A 388 4.38 -14.21 25.97
N VAL A 389 5.49 -13.87 25.32
CA VAL A 389 5.46 -13.08 24.10
C VAL A 389 6.03 -13.94 22.97
N ALA A 390 5.38 -14.00 21.82
CA ALA A 390 5.96 -14.68 20.66
C ALA A 390 6.22 -13.60 19.59
N VAL A 391 7.40 -13.65 18.93
CA VAL A 391 7.74 -12.75 17.81
C VAL A 391 7.73 -13.61 16.56
N TYR A 392 7.00 -13.19 15.53
CA TYR A 392 6.97 -13.83 14.24
C TYR A 392 7.75 -12.84 13.36
N GLU A 393 8.63 -13.23 12.42
CA GLU A 393 9.47 -12.34 11.61
C GLU A 393 9.54 -12.90 10.20
N SER A 394 9.57 -12.06 9.18
CA SER A 394 9.71 -12.46 7.79
C SER A 394 10.41 -11.33 7.05
N SER A 395 11.41 -11.55 6.21
CA SER A 395 12.07 -10.54 5.41
C SER A 395 12.32 -11.18 4.07
N PHE A 396 12.20 -10.47 2.94
CA PHE A 396 12.40 -11.05 1.62
C PHE A 396 12.76 -9.90 0.72
N THR A 397 13.44 -10.15 -0.36
CA THR A 397 13.83 -9.13 -1.33
C THR A 397 12.68 -9.27 -2.30
N PRO A 398 11.86 -8.28 -2.61
CA PRO A 398 10.92 -8.36 -3.73
C PRO A 398 11.74 -8.72 -4.98
N LEU A 399 11.32 -9.70 -5.76
CA LEU A 399 12.04 -10.15 -6.97
C LEU A 399 12.25 -9.02 -7.98
N MET A 400 11.39 -8.00 -7.80
CA MET A 400 11.41 -6.70 -8.46
C MET A 400 12.79 -6.13 -8.31
N HIS A 401 13.29 -6.22 -7.09
CA HIS A 401 14.61 -5.72 -6.84
C HIS A 401 15.70 -6.68 -7.30
N ASN A 402 15.40 -7.94 -7.63
CA ASN A 402 16.46 -8.70 -8.26
C ASN A 402 16.63 -8.10 -9.65
N ILE A 403 15.54 -7.83 -10.37
CA ILE A 403 15.63 -7.18 -11.69
C ILE A 403 16.08 -5.72 -11.68
N SER A 404 15.58 -4.97 -10.70
CA SER A 404 15.88 -3.54 -10.58
C SER A 404 17.31 -3.33 -10.25
N GLY A 405 18.00 -4.22 -9.55
CA GLY A 405 19.36 -3.92 -9.20
C GLY A 405 19.46 -3.45 -7.77
N SER A 406 18.41 -2.92 -7.10
CA SER A 406 18.52 -2.56 -5.67
C SER A 406 18.26 -3.74 -4.77
N THR A 407 19.23 -4.64 -4.75
CA THR A 407 19.17 -5.87 -3.98
C THR A 407 19.25 -5.70 -2.47
N TYR A 408 19.67 -4.51 -2.04
CA TYR A 408 19.70 -4.23 -0.63
C TYR A 408 18.28 -4.02 -0.12
N LYS A 409 17.24 -3.87 -0.98
CA LYS A 409 15.92 -3.53 -0.49
C LYS A 409 15.09 -4.69 -0.01
N LYS A 410 15.37 -5.02 1.23
CA LYS A 410 14.68 -6.06 1.94
C LYS A 410 13.34 -5.49 2.40
N PHE A 411 12.24 -6.21 2.22
CA PHE A 411 10.96 -5.87 2.84
C PHE A 411 11.03 -6.75 4.09
N MET A 412 10.44 -6.27 5.17
CA MET A 412 10.45 -7.00 6.43
C MET A 412 9.26 -6.67 7.28
N VAL A 413 8.63 -7.69 7.86
CA VAL A 413 7.51 -7.55 8.76
C VAL A 413 7.79 -8.41 10.01
N ARG A 414 7.51 -7.84 11.17
CA ARG A 414 7.76 -8.45 12.44
C ARG A 414 6.46 -8.27 13.22
N ILE A 415 5.88 -9.34 13.72
CA ILE A 415 4.65 -9.30 14.52
C ILE A 415 4.91 -9.81 15.95
N VAL A 416 4.52 -9.00 16.94
CA VAL A 416 4.66 -9.32 18.35
C VAL A 416 3.30 -9.80 18.89
N THR A 417 3.19 -10.93 19.59
CA THR A 417 1.92 -11.38 20.15
C THR A 417 2.01 -11.81 21.61
N ASN A 418 0.86 -11.79 22.28
CA ASN A 418 0.73 -12.33 23.64
C ASN A 418 0.50 -13.80 23.39
N HIS A 419 1.47 -14.63 23.71
CA HIS A 419 1.43 -16.04 23.39
C HIS A 419 0.38 -16.90 24.08
N ALA A 420 -0.22 -16.48 25.16
CA ALA A 420 -1.29 -17.24 25.76
C ALA A 420 -2.56 -17.33 24.91
N ASP A 421 -3.02 -16.23 24.29
CA ASP A 421 -4.26 -16.18 23.53
C ASP A 421 -4.10 -15.78 22.09
N GLY A 422 -2.83 -15.48 21.79
CA GLY A 422 -2.38 -15.14 20.45
C GLY A 422 -2.89 -13.80 19.94
N GLU A 423 -3.21 -12.85 20.80
CA GLU A 423 -3.63 -11.54 20.32
C GLU A 423 -2.41 -10.82 19.75
N VAL A 424 -2.53 -10.06 18.64
CA VAL A 424 -1.42 -9.31 18.04
C VAL A 424 -1.24 -8.03 18.82
N LEU A 425 -0.06 -7.75 19.29
CA LEU A 425 0.19 -6.60 20.12
C LEU A 425 0.84 -5.47 19.35
N GLY A 426 1.56 -5.80 18.27
CA GLY A 426 2.26 -4.81 17.49
C GLY A 426 2.62 -5.43 16.15
N VAL A 427 2.51 -4.67 15.07
CA VAL A 427 2.91 -5.11 13.74
C VAL A 427 3.89 -4.05 13.24
N HIS A 428 5.08 -4.46 12.74
CA HIS A 428 6.10 -3.48 12.40
C HIS A 428 6.69 -3.87 11.06
N MET A 429 6.54 -3.06 10.02
CA MET A 429 7.04 -3.36 8.70
C MET A 429 8.04 -2.32 8.21
N LEU A 430 9.00 -2.68 7.38
CA LEU A 430 9.94 -1.80 6.71
C LEU A 430 9.80 -2.11 5.22
N GLY A 431 9.65 -1.17 4.31
CA GLY A 431 9.62 -1.48 2.91
C GLY A 431 8.56 -0.68 2.22
N ASP A 432 8.61 -0.63 0.89
CA ASP A 432 7.67 0.17 0.14
C ASP A 432 6.25 -0.24 0.35
N SER A 433 5.45 0.79 0.45
CA SER A 433 4.04 0.76 0.66
C SER A 433 3.74 0.49 2.10
N SER A 434 4.71 0.28 2.99
CA SER A 434 4.34 -0.08 4.32
C SER A 434 3.47 0.97 4.98
N PRO A 435 3.58 2.32 4.79
CA PRO A 435 2.60 3.28 5.33
C PRO A 435 1.19 3.11 4.79
N GLU A 436 0.91 2.50 3.63
CA GLU A 436 -0.48 2.31 3.21
C GLU A 436 -1.03 1.03 3.78
N ILE A 437 -0.17 0.02 3.97
CA ILE A 437 -0.52 -1.29 4.53
C ILE A 437 -0.88 -1.11 6.01
N ILE A 438 -0.04 -0.46 6.83
CA ILE A 438 -0.29 -0.31 8.26
C ILE A 438 -1.58 0.38 8.62
N GLN A 439 -2.19 1.21 7.77
CA GLN A 439 -3.42 1.90 8.15
C GLN A 439 -4.52 0.87 8.36
N SER A 440 -4.63 -0.06 7.42
CA SER A 440 -5.69 -1.02 7.49
C SER A 440 -5.30 -2.02 8.59
N VAL A 441 -4.01 -2.27 8.89
CA VAL A 441 -3.62 -3.13 10.00
C VAL A 441 -3.98 -2.49 11.33
N ALA A 442 -4.01 -1.15 11.45
CA ALA A 442 -4.40 -0.52 12.73
C ALA A 442 -5.86 -0.77 13.08
N ILE A 443 -6.70 -0.97 12.07
CA ILE A 443 -8.12 -1.27 12.26
C ILE A 443 -8.20 -2.67 12.89
N CYS A 444 -7.48 -3.68 12.34
CA CYS A 444 -7.46 -5.02 12.90
C CYS A 444 -6.99 -4.98 14.35
N LEU A 445 -5.93 -4.23 14.66
CA LEU A 445 -5.45 -4.17 16.03
C LEU A 445 -6.40 -3.48 16.97
N LYS A 446 -7.21 -2.49 16.59
CA LYS A 446 -8.21 -1.92 17.48
C LYS A 446 -9.35 -2.91 17.70
N MET A 447 -9.70 -3.77 16.73
CA MET A 447 -10.68 -4.82 16.95
C MET A 447 -10.14 -5.92 17.86
N GLY A 448 -8.85 -6.05 18.07
CA GLY A 448 -8.35 -7.09 18.95
C GLY A 448 -8.07 -8.38 18.19
N ALA A 449 -7.53 -8.26 16.97
CA ALA A 449 -7.16 -9.43 16.20
C ALA A 449 -6.10 -10.28 16.87
N LYS A 450 -6.23 -11.57 16.61
CA LYS A 450 -5.32 -12.60 17.07
C LYS A 450 -4.52 -13.07 15.85
N ILE A 451 -3.40 -13.76 15.99
CA ILE A 451 -2.66 -14.06 14.78
C ILE A 451 -3.41 -15.10 13.93
N SER A 452 -4.30 -15.96 14.44
CA SER A 452 -5.05 -16.86 13.57
C SER A 452 -5.95 -16.06 12.64
N ASP A 453 -6.38 -14.84 13.01
CA ASP A 453 -7.12 -13.97 12.11
C ASP A 453 -6.36 -13.53 10.87
N PHE A 454 -5.03 -13.39 11.07
CA PHE A 454 -4.09 -13.01 10.04
C PHE A 454 -3.85 -14.24 9.17
N TYR A 455 -3.24 -15.33 9.66
CA TYR A 455 -2.93 -16.40 8.75
C TYR A 455 -4.10 -17.22 8.20
N ASN A 456 -5.34 -16.90 8.52
CA ASN A 456 -6.49 -17.57 7.91
C ASN A 456 -7.19 -16.69 6.90
N THR A 457 -6.68 -15.48 6.65
CA THR A 457 -7.16 -14.68 5.57
C THR A 457 -6.39 -15.18 4.36
N ILE A 458 -7.11 -15.30 3.24
CA ILE A 458 -6.50 -15.66 2.00
C ILE A 458 -5.84 -14.39 1.50
N GLY A 459 -4.60 -14.62 1.02
CA GLY A 459 -3.70 -13.60 0.51
C GLY A 459 -4.11 -13.12 -0.84
N VAL A 460 -3.56 -11.94 -1.16
CA VAL A 460 -3.73 -11.33 -2.48
C VAL A 460 -2.33 -11.48 -3.04
N HIS A 461 -2.08 -11.91 -4.27
CA HIS A 461 -0.75 -12.27 -4.73
C HIS A 461 -0.69 -11.64 -6.12
N PRO A 462 0.47 -11.11 -6.55
CA PRO A 462 1.71 -11.09 -5.77
C PRO A 462 1.79 -9.76 -5.03
N THR A 463 1.91 -9.70 -3.72
CA THR A 463 2.00 -8.42 -3.05
C THR A 463 2.97 -8.66 -1.92
N SER A 464 3.42 -7.53 -1.38
CA SER A 464 4.21 -7.54 -0.17
C SER A 464 3.33 -7.76 1.02
N ALA A 465 2.13 -7.18 1.08
CA ALA A 465 1.26 -7.25 2.24
C ALA A 465 0.86 -8.67 2.59
N GLU A 466 0.93 -9.61 1.62
CA GLU A 466 0.54 -10.98 1.91
C GLU A 466 1.47 -11.74 2.85
N GLU A 467 2.56 -11.17 3.30
CA GLU A 467 3.35 -11.84 4.29
C GLU A 467 2.59 -11.82 5.60
N LEU A 468 1.82 -10.75 5.85
CA LEU A 468 1.00 -10.68 7.05
C LEU A 468 0.15 -11.92 7.26
N CYS A 469 -0.27 -12.56 6.18
CA CYS A 469 -1.09 -13.72 6.26
C CYS A 469 -0.29 -14.98 6.15
N SER A 470 1.02 -14.99 5.89
CA SER A 470 1.76 -16.24 5.73
C SER A 470 2.64 -16.50 6.94
N MET A 471 2.36 -15.92 8.11
CA MET A 471 3.10 -16.16 9.35
C MET A 471 2.34 -16.94 10.42
N ARG A 472 2.78 -18.19 10.46
CA ARG A 472 2.21 -19.19 11.35
C ARG A 472 3.12 -19.64 12.48
N THR A 473 4.45 -19.50 12.41
CA THR A 473 5.34 -20.06 13.42
C THR A 473 6.23 -18.99 14.04
N PRO A 474 6.23 -18.93 15.36
CA PRO A 474 7.04 -17.97 16.08
C PRO A 474 8.51 -18.20 15.83
N ALA A 475 9.29 -17.12 15.64
CA ALA A 475 10.71 -17.21 15.48
C ALA A 475 11.44 -17.43 16.81
N TYR A 476 11.11 -16.71 17.87
CA TYR A 476 11.64 -16.95 19.21
C TYR A 476 10.63 -16.35 20.18
N PHE A 477 10.79 -16.50 21.51
CA PHE A 477 9.80 -16.05 22.47
C PHE A 477 10.43 -15.24 23.59
N TYR A 478 9.62 -14.62 24.42
CA TYR A 478 10.08 -13.95 25.61
C TYR A 478 9.24 -14.54 26.71
N GLN A 479 9.82 -15.46 27.47
CA GLN A 479 9.18 -16.07 28.63
C GLN A 479 9.65 -15.24 29.83
N LYS A 480 8.68 -14.76 30.59
CA LYS A 480 8.89 -13.92 31.75
C LYS A 480 9.97 -12.86 31.60
N GLY A 481 10.02 -12.25 30.43
CA GLY A 481 10.96 -11.17 30.20
C GLY A 481 12.28 -11.62 29.59
N LYS A 482 12.61 -12.90 29.62
CA LYS A 482 13.87 -13.36 29.09
C LYS A 482 13.70 -13.92 27.68
N ARG A 483 14.59 -13.63 26.72
CA ARG A 483 14.41 -14.20 25.40
C ARG A 483 14.76 -15.66 25.55
N VAL A 484 13.70 -16.39 25.33
CA VAL A 484 13.76 -17.81 25.41
C VAL A 484 13.60 -18.29 23.96
N GLU A 485 13.42 -19.57 23.71
CA GLU A 485 13.35 -19.97 22.33
C GLU A 485 12.39 -21.12 22.10
N LYS A 486 12.04 -22.03 23.02
CA LYS A 486 11.08 -23.07 22.67
C LYS A 486 9.76 -22.92 23.42
N ILE A 487 9.76 -21.76 24.07
CA ILE A 487 8.92 -21.22 25.12
C ILE A 487 9.49 -21.74 26.46
N SER B 2 -2.26 -52.08 0.05
CA SER B 2 -1.35 -50.96 0.18
C SER B 2 -0.79 -50.83 -1.22
N ARG B 3 -0.33 -49.64 -1.58
CA ARG B 3 -0.07 -49.26 -2.95
C ARG B 3 1.32 -48.70 -2.99
N ALA B 4 1.87 -48.57 -4.19
CA ALA B 4 3.21 -48.05 -4.32
C ALA B 4 3.32 -46.59 -3.91
N TYR B 5 2.28 -45.77 -4.14
CA TYR B 5 2.26 -44.35 -3.81
C TYR B 5 1.02 -44.04 -3.00
N ASP B 6 1.19 -43.14 -2.03
CA ASP B 6 0.09 -42.67 -1.19
C ASP B 6 -0.79 -41.67 -1.89
N LEU B 7 -0.15 -40.83 -2.72
CA LEU B 7 -0.78 -39.75 -3.40
C LEU B 7 -0.03 -39.56 -4.72
N VAL B 8 -0.76 -39.40 -5.82
CA VAL B 8 -0.18 -39.04 -7.11
C VAL B 8 -0.95 -37.76 -7.48
N VAL B 9 -0.22 -36.67 -7.62
CA VAL B 9 -0.79 -35.38 -7.93
C VAL B 9 -0.60 -35.09 -9.41
N ILE B 10 -1.61 -34.83 -10.20
CA ILE B 10 -1.38 -34.52 -11.60
C ILE B 10 -1.44 -33.00 -11.78
N GLY B 11 -0.32 -32.38 -12.12
CA GLY B 11 -0.24 -30.93 -12.19
C GLY B 11 0.68 -30.42 -11.09
N ALA B 12 1.76 -29.70 -11.40
CA ALA B 12 2.72 -29.27 -10.37
C ALA B 12 2.62 -27.74 -10.20
N GLY B 13 1.41 -27.27 -9.89
CA GLY B 13 1.12 -25.84 -9.81
C GLY B 13 0.97 -25.30 -8.41
N SER B 14 0.17 -24.27 -8.19
CA SER B 14 0.07 -23.64 -6.90
C SER B 14 -0.61 -24.57 -5.95
N GLY B 15 -1.67 -25.25 -6.41
CA GLY B 15 -2.43 -26.20 -5.62
C GLY B 15 -1.65 -27.50 -5.41
N GLY B 16 -1.31 -28.12 -6.52
CA GLY B 16 -0.65 -29.42 -6.55
C GLY B 16 0.68 -29.47 -5.83
N LEU B 17 1.42 -28.36 -5.87
CA LEU B 17 2.70 -28.33 -5.20
C LEU B 17 2.49 -28.17 -3.71
N GLU B 18 1.50 -27.38 -3.31
CA GLU B 18 1.15 -27.23 -1.91
C GLU B 18 0.77 -28.60 -1.31
N ALA B 19 -0.18 -29.32 -1.92
CA ALA B 19 -0.66 -30.60 -1.45
C ALA B 19 0.44 -31.66 -1.41
N GLY B 20 1.21 -31.70 -2.49
CA GLY B 20 2.34 -32.60 -2.60
C GLY B 20 3.38 -32.36 -1.50
N TRP B 21 3.86 -31.14 -1.29
CA TRP B 21 4.87 -30.90 -0.30
C TRP B 21 4.32 -31.11 1.12
N ASN B 22 3.12 -30.66 1.47
CA ASN B 22 2.62 -30.87 2.82
C ASN B 22 2.41 -32.36 3.10
N ALA B 23 1.91 -33.18 2.17
CA ALA B 23 1.66 -34.58 2.44
C ALA B 23 2.96 -35.31 2.62
N ALA B 24 3.98 -35.06 1.80
CA ALA B 24 5.28 -35.73 1.90
C ALA B 24 6.00 -35.20 3.11
N SER B 25 6.13 -33.91 3.31
CA SER B 25 6.87 -33.36 4.45
C SER B 25 6.18 -33.43 5.81
N LEU B 26 4.97 -32.95 5.87
CA LEU B 26 4.33 -32.98 7.16
C LEU B 26 3.81 -34.37 7.46
N HIS B 27 3.62 -35.27 6.50
CA HIS B 27 2.97 -36.52 6.82
C HIS B 27 3.72 -37.72 6.38
N LYS B 28 4.93 -37.58 5.89
CA LYS B 28 5.73 -38.70 5.45
C LYS B 28 5.10 -39.69 4.47
N LYS B 29 4.36 -39.16 3.50
CA LYS B 29 3.78 -39.98 2.46
C LYS B 29 4.70 -40.16 1.23
N ARG B 30 4.43 -41.11 0.30
CA ARG B 30 5.12 -41.26 -0.98
C ARG B 30 4.20 -40.48 -1.94
N VAL B 31 4.66 -39.30 -2.39
CA VAL B 31 3.88 -38.46 -3.28
C VAL B 31 4.64 -38.33 -4.61
N ALA B 32 3.96 -38.60 -5.71
CA ALA B 32 4.53 -38.50 -7.03
C ALA B 32 3.83 -37.30 -7.67
N VAL B 33 4.49 -36.23 -8.13
CA VAL B 33 3.83 -35.07 -8.74
C VAL B 33 4.17 -35.12 -10.23
N ILE B 34 3.19 -35.02 -11.13
CA ILE B 34 3.41 -35.09 -12.57
C ILE B 34 3.25 -33.70 -13.18
N ASP B 35 4.11 -33.28 -14.11
CA ASP B 35 3.87 -32.11 -14.90
C ASP B 35 4.59 -32.35 -16.22
N LEU B 36 4.21 -31.64 -17.28
CA LEU B 36 4.74 -31.78 -18.63
C LEU B 36 6.17 -31.30 -18.84
N GLN B 37 6.63 -30.40 -18.00
CA GLN B 37 7.79 -29.60 -18.32
C GLN B 37 8.37 -29.20 -16.99
N LYS B 38 9.66 -29.00 -16.98
CA LYS B 38 10.35 -28.58 -15.78
C LYS B 38 10.76 -27.09 -15.78
N HIS B 39 11.05 -26.46 -16.92
CA HIS B 39 11.37 -25.05 -17.00
C HIS B 39 10.30 -24.36 -17.76
N HIS B 40 9.96 -23.07 -17.51
CA HIS B 40 8.90 -22.36 -18.23
C HIS B 40 9.11 -22.32 -19.73
N GLY B 41 8.13 -22.12 -20.59
CA GLY B 41 8.44 -21.94 -21.99
C GLY B 41 7.55 -22.72 -22.95
N PRO B 42 7.56 -22.37 -24.24
CA PRO B 42 7.00 -23.21 -25.31
C PRO B 42 7.68 -24.59 -25.32
N PRO B 43 7.03 -25.70 -25.61
CA PRO B 43 5.67 -25.78 -26.12
C PRO B 43 4.56 -25.76 -25.10
N HIS B 44 4.76 -26.01 -23.80
CA HIS B 44 3.61 -26.10 -22.88
C HIS B 44 3.39 -24.90 -22.00
N TYR B 45 4.28 -23.89 -22.08
CA TYR B 45 4.35 -22.63 -21.32
C TYR B 45 4.50 -22.88 -19.83
N ALA B 46 3.53 -23.52 -19.18
CA ALA B 46 3.63 -23.84 -17.79
C ALA B 46 4.62 -25.01 -17.63
N ALA B 47 5.09 -25.16 -16.41
CA ALA B 47 6.08 -26.10 -15.98
C ALA B 47 5.99 -26.14 -14.44
N LEU B 48 7.00 -26.57 -13.70
CA LEU B 48 7.02 -26.54 -12.25
C LEU B 48 6.63 -25.18 -11.71
N GLY B 49 5.67 -25.11 -10.78
CA GLY B 49 5.20 -23.84 -10.27
C GLY B 49 3.89 -23.51 -10.98
N GLY B 50 3.57 -24.17 -12.10
CA GLY B 50 2.30 -23.98 -12.79
C GLY B 50 2.11 -22.65 -13.49
N THR B 51 0.90 -22.32 -13.87
CA THR B 51 0.57 -21.05 -14.48
C THR B 51 0.97 -19.82 -13.65
N CYS B 52 0.87 -19.75 -12.32
CA CYS B 52 1.28 -18.54 -11.60
C CYS B 52 2.73 -18.18 -11.82
N VAL B 53 3.67 -19.07 -11.57
CA VAL B 53 5.10 -18.79 -11.71
C VAL B 53 5.50 -18.52 -13.14
N ASN B 54 4.99 -19.33 -14.05
CA ASN B 54 5.54 -19.33 -15.38
C ASN B 54 4.88 -18.35 -16.33
N VAL B 55 3.55 -18.28 -16.42
CA VAL B 55 2.87 -17.48 -17.39
C VAL B 55 1.63 -16.91 -16.70
N GLY B 56 1.86 -16.45 -15.47
CA GLY B 56 0.76 -15.88 -14.72
C GLY B 56 1.20 -14.77 -13.80
N CYS B 57 0.79 -14.84 -12.55
CA CYS B 57 1.04 -13.81 -11.59
C CYS B 57 2.45 -13.29 -11.54
N VAL B 58 3.48 -14.13 -11.47
CA VAL B 58 4.83 -13.65 -11.28
C VAL B 58 5.29 -12.95 -12.55
N PRO B 59 5.37 -13.48 -13.79
CA PRO B 59 5.93 -12.76 -14.92
C PRO B 59 5.08 -11.52 -15.23
N LYS B 60 3.74 -11.63 -15.17
CA LYS B 60 2.85 -10.52 -15.46
C LYS B 60 3.09 -9.33 -14.54
N LYS B 61 3.33 -9.54 -13.24
CA LYS B 61 3.57 -8.44 -12.31
C LYS B 61 4.94 -7.79 -12.56
N LEU B 62 6.00 -8.57 -12.93
CA LEU B 62 7.29 -7.99 -13.29
C LEU B 62 7.09 -7.10 -14.51
N MET B 63 6.34 -7.59 -15.50
CA MET B 63 5.99 -6.80 -16.65
C MET B 63 5.10 -5.61 -16.35
N VAL B 64 4.12 -5.62 -15.45
CA VAL B 64 3.41 -4.40 -15.08
C VAL B 64 4.33 -3.43 -14.34
N THR B 65 5.24 -3.86 -13.47
CA THR B 65 6.22 -2.97 -12.86
C THR B 65 7.07 -2.27 -13.92
N GLY B 66 7.46 -2.96 -14.99
CA GLY B 66 8.22 -2.35 -16.07
C GLY B 66 7.35 -1.35 -16.78
N ALA B 67 6.09 -1.66 -17.05
CA ALA B 67 5.18 -0.79 -17.78
C ALA B 67 4.94 0.54 -17.08
N ASN B 68 4.93 0.45 -15.76
CA ASN B 68 4.84 1.60 -14.90
C ASN B 68 5.88 2.69 -15.07
N TYR B 69 7.14 2.38 -15.39
CA TYR B 69 8.15 3.44 -15.55
C TYR B 69 7.86 4.42 -16.66
N MET B 70 7.08 4.12 -17.70
CA MET B 70 6.71 5.09 -18.68
C MET B 70 6.02 6.24 -17.93
N ASP B 71 5.20 5.95 -16.94
CA ASP B 71 4.52 6.97 -16.17
C ASP B 71 5.43 7.69 -15.21
N THR B 72 6.25 7.01 -14.43
CA THR B 72 7.01 7.71 -13.42
C THR B 72 8.11 8.53 -13.95
N ILE B 73 8.65 8.18 -15.13
CA ILE B 73 9.66 8.99 -15.75
C ILE B 73 8.94 10.25 -16.20
N ARG B 74 7.80 10.20 -16.88
CA ARG B 74 7.01 11.37 -17.24
C ARG B 74 6.71 12.25 -16.04
N GLU B 75 6.32 11.69 -14.89
CA GLU B 75 5.96 12.47 -13.72
C GLU B 75 7.12 13.03 -12.95
N SER B 76 8.38 12.62 -13.14
CA SER B 76 9.48 13.16 -12.36
C SER B 76 9.78 14.61 -12.74
N ALA B 77 9.39 15.00 -13.97
CA ALA B 77 9.53 16.34 -14.51
C ALA B 77 8.95 17.34 -13.51
N GLY B 78 7.75 17.05 -12.98
CA GLY B 78 7.07 17.94 -12.04
C GLY B 78 7.72 18.09 -10.67
N PHE B 79 8.65 17.21 -10.34
CA PHE B 79 9.34 17.27 -9.09
C PHE B 79 10.72 17.79 -9.33
N GLY B 80 11.03 18.38 -10.50
CA GLY B 80 12.34 18.93 -10.74
C GLY B 80 13.34 17.95 -11.35
N TRP B 81 13.01 16.72 -11.72
CA TRP B 81 14.00 15.86 -12.36
C TRP B 81 14.04 16.24 -13.83
N GLU B 82 15.22 16.61 -14.29
CA GLU B 82 15.48 16.98 -15.65
C GLU B 82 16.28 15.83 -16.26
N LEU B 83 15.93 15.56 -17.52
CA LEU B 83 16.64 14.64 -18.37
C LEU B 83 16.25 14.77 -19.82
N ASP B 84 17.03 14.16 -20.70
CA ASP B 84 16.74 14.23 -22.11
C ASP B 84 15.54 13.34 -22.38
N ARG B 85 14.33 13.90 -22.34
CA ARG B 85 13.15 13.09 -22.57
C ARG B 85 13.08 12.44 -23.94
N GLU B 86 13.83 12.90 -24.93
CA GLU B 86 13.77 12.30 -26.25
C GLU B 86 14.58 11.03 -26.36
N SER B 87 15.54 10.80 -25.48
CA SER B 87 16.32 9.60 -25.44
C SER B 87 15.59 8.42 -24.83
N VAL B 88 14.43 8.63 -24.15
CA VAL B 88 13.78 7.58 -23.39
C VAL B 88 13.08 6.62 -24.32
N ARG B 89 13.70 5.45 -24.44
CA ARG B 89 13.18 4.38 -25.27
C ARG B 89 13.00 3.13 -24.40
N PRO B 90 11.86 2.46 -24.38
CA PRO B 90 11.65 1.17 -23.70
C PRO B 90 12.27 0.03 -24.48
N ASN B 91 12.68 -1.10 -23.90
CA ASN B 91 13.26 -2.19 -24.68
C ASN B 91 12.62 -3.53 -24.28
N TRP B 92 11.70 -4.04 -25.10
CA TRP B 92 11.01 -5.30 -24.87
C TRP B 92 11.92 -6.51 -24.68
N LYS B 93 12.93 -6.68 -25.53
CA LYS B 93 13.84 -7.80 -25.44
C LYS B 93 14.53 -7.82 -24.09
N ALA B 94 14.94 -6.66 -23.57
CA ALA B 94 15.64 -6.66 -22.30
C ALA B 94 14.68 -7.05 -21.18
N LEU B 95 13.44 -6.54 -21.27
CA LEU B 95 12.40 -6.85 -20.28
C LEU B 95 12.18 -8.38 -20.29
N ILE B 96 11.97 -9.00 -21.47
CA ILE B 96 11.70 -10.41 -21.61
C ILE B 96 12.89 -11.18 -21.12
N ALA B 97 14.13 -10.82 -21.46
CA ALA B 97 15.28 -11.52 -20.94
C ALA B 97 15.27 -11.51 -19.41
N ALA B 98 14.98 -10.38 -18.76
CA ALA B 98 15.02 -10.26 -17.31
C ALA B 98 13.97 -11.10 -16.61
N LYS B 99 12.81 -11.11 -17.26
CA LYS B 99 11.69 -11.90 -16.81
C LYS B 99 12.06 -13.38 -16.84
N ASN B 100 12.55 -13.79 -18.01
CA ASN B 100 12.96 -15.18 -18.23
C ASN B 100 13.96 -15.58 -17.18
N LYS B 101 14.92 -14.72 -16.90
CA LYS B 101 15.96 -14.94 -15.92
C LYS B 101 15.32 -15.21 -14.57
N ALA B 102 14.44 -14.33 -14.14
CA ALA B 102 13.76 -14.49 -12.89
C ALA B 102 12.92 -15.77 -12.80
N VAL B 103 12.05 -16.10 -13.77
CA VAL B 103 11.23 -17.29 -13.65
C VAL B 103 12.12 -18.49 -13.71
N SER B 104 13.19 -18.50 -14.44
CA SER B 104 14.06 -19.68 -14.42
C SER B 104 14.61 -19.92 -13.06
N GLY B 105 14.77 -18.92 -12.22
CA GLY B 105 15.25 -19.16 -10.89
C GLY B 105 14.21 -19.92 -10.06
N ILE B 106 12.93 -19.59 -10.17
CA ILE B 106 11.89 -20.23 -9.38
C ILE B 106 11.79 -21.65 -9.87
N ASN B 107 11.95 -21.91 -11.18
CA ASN B 107 11.95 -23.28 -11.68
C ASN B 107 13.04 -24.10 -10.99
N ASP B 108 14.19 -23.48 -10.81
CA ASP B 108 15.29 -24.17 -10.21
C ASP B 108 15.11 -24.30 -8.72
N SER B 109 14.42 -23.37 -8.09
CA SER B 109 14.07 -23.50 -6.72
C SER B 109 13.26 -24.75 -6.49
N TYR B 110 12.32 -25.02 -7.41
CA TYR B 110 11.50 -26.16 -7.18
C TYR B 110 12.29 -27.42 -7.50
N GLU B 111 13.29 -27.56 -8.39
CA GLU B 111 14.01 -28.86 -8.48
C GLU B 111 14.67 -29.10 -7.13
N GLY B 112 15.12 -28.02 -6.47
CA GLY B 112 15.69 -28.17 -5.18
C GLY B 112 14.66 -28.71 -4.19
N MET B 113 13.43 -28.23 -4.19
CA MET B 113 12.43 -28.77 -3.29
C MET B 113 12.25 -30.27 -3.42
N PHE B 114 12.15 -30.77 -4.65
CA PHE B 114 11.95 -32.19 -4.89
C PHE B 114 13.17 -32.94 -4.41
N ALA B 115 14.34 -32.43 -4.76
CA ALA B 115 15.58 -33.07 -4.41
C ALA B 115 15.80 -33.10 -2.91
N ASP B 116 15.13 -32.26 -2.11
CA ASP B 116 15.34 -32.27 -0.69
C ASP B 116 14.14 -32.78 0.09
N THR B 117 13.03 -33.22 -0.50
CA THR B 117 11.94 -33.73 0.30
C THR B 117 11.86 -35.21 0.04
N GLU B 118 12.11 -35.97 1.11
CA GLU B 118 12.01 -37.42 1.02
C GLU B 118 10.52 -37.71 0.84
N GLY B 119 10.27 -38.65 -0.09
CA GLY B 119 8.91 -39.04 -0.40
C GLY B 119 8.38 -38.27 -1.58
N LEU B 120 8.89 -37.09 -1.94
CA LEU B 120 8.41 -36.25 -3.05
C LEU B 120 9.11 -36.53 -4.34
N THR B 121 8.56 -37.02 -5.44
CA THR B 121 9.38 -37.13 -6.62
C THR B 121 8.66 -36.43 -7.75
N PHE B 122 9.36 -35.86 -8.74
CA PHE B 122 8.77 -35.26 -9.93
C PHE B 122 8.75 -36.31 -11.01
N HIS B 123 7.77 -36.36 -11.91
CA HIS B 123 7.66 -37.37 -12.93
C HIS B 123 7.19 -36.58 -14.13
N GLN B 124 7.99 -36.41 -15.16
CA GLN B 124 7.64 -35.57 -16.29
C GLN B 124 6.83 -36.27 -17.35
N GLY B 125 5.72 -35.70 -17.79
CA GLY B 125 4.89 -36.24 -18.85
C GLY B 125 3.44 -35.87 -18.59
N TRP B 126 2.69 -36.39 -19.52
CA TRP B 126 1.26 -36.24 -19.63
C TRP B 126 0.53 -37.19 -18.70
N GLY B 127 -0.21 -36.82 -17.65
CA GLY B 127 -0.81 -37.83 -16.79
C GLY B 127 -2.25 -38.04 -17.21
N ALA B 128 -2.73 -39.26 -17.20
CA ALA B 128 -4.05 -39.67 -17.65
C ALA B 128 -4.41 -40.80 -16.71
N LEU B 129 -5.69 -41.00 -16.50
CA LEU B 129 -6.16 -42.07 -15.62
C LEU B 129 -6.49 -43.35 -16.38
N GLN B 130 -6.04 -44.45 -15.78
CA GLN B 130 -6.42 -45.78 -16.31
C GLN B 130 -7.58 -46.38 -15.53
N ASP B 131 -7.69 -46.09 -14.24
CA ASP B 131 -8.79 -46.47 -13.38
C ASP B 131 -8.56 -45.62 -12.14
N ASN B 132 -9.26 -45.78 -11.03
CA ASN B 132 -9.05 -44.88 -9.92
C ASN B 132 -7.89 -45.20 -8.99
N HIS B 133 -7.00 -46.09 -9.39
CA HIS B 133 -5.82 -46.34 -8.61
C HIS B 133 -4.59 -46.40 -9.46
N THR B 134 -4.71 -46.13 -10.76
CA THR B 134 -3.64 -46.26 -11.71
C THR B 134 -3.62 -44.96 -12.50
N VAL B 135 -2.49 -44.26 -12.46
CA VAL B 135 -2.27 -43.06 -13.22
C VAL B 135 -1.18 -43.45 -14.22
N LEU B 136 -1.36 -43.18 -15.50
CA LEU B 136 -0.38 -43.40 -16.55
C LEU B 136 0.38 -42.11 -16.84
N VAL B 137 1.69 -42.11 -17.15
CA VAL B 137 2.44 -40.93 -17.59
C VAL B 137 2.87 -41.27 -18.98
N ARG B 138 2.19 -40.65 -19.92
CA ARG B 138 2.46 -40.84 -21.34
C ARG B 138 3.32 -39.72 -21.89
N GLU B 139 3.82 -39.96 -23.09
CA GLU B 139 4.68 -39.02 -23.78
C GLU B 139 3.96 -37.74 -24.22
N SER B 140 2.73 -37.89 -24.67
CA SER B 140 1.98 -36.75 -25.08
C SER B 140 0.51 -37.03 -24.79
N ALA B 141 -0.25 -35.98 -24.89
CA ALA B 141 -1.70 -36.13 -24.75
C ALA B 141 -2.39 -37.16 -25.65
N ASP B 142 -1.80 -37.52 -26.80
CA ASP B 142 -2.42 -38.52 -27.67
C ASP B 142 -2.51 -39.83 -26.91
N PRO B 143 -3.65 -40.45 -26.68
CA PRO B 143 -3.75 -41.67 -25.89
C PRO B 143 -3.17 -42.87 -26.62
N ASN B 144 -2.34 -42.71 -27.64
CA ASN B 144 -1.70 -43.81 -28.34
C ASN B 144 -0.20 -43.56 -28.36
N SER B 145 0.27 -42.63 -27.50
CA SER B 145 1.67 -42.38 -27.41
C SER B 145 2.15 -43.33 -26.31
N ALA B 146 3.48 -43.41 -26.28
CA ALA B 146 4.21 -44.30 -25.41
C ALA B 146 3.95 -44.08 -23.93
N VAL B 147 3.57 -45.08 -23.09
CA VAL B 147 3.48 -44.77 -21.70
C VAL B 147 4.88 -45.04 -21.15
N LEU B 148 5.28 -43.94 -20.51
CA LEU B 148 6.58 -43.78 -19.88
C LEU B 148 6.62 -44.42 -18.52
N GLU B 149 5.52 -44.57 -17.78
CA GLU B 149 5.48 -45.19 -16.46
C GLU B 149 4.05 -45.22 -15.99
N THR B 150 3.77 -46.09 -15.03
CA THR B 150 2.44 -46.39 -14.53
C THR B 150 2.51 -46.33 -13.03
N LEU B 151 1.65 -45.57 -12.40
CA LEU B 151 1.77 -45.45 -10.98
C LEU B 151 0.50 -45.93 -10.31
N ASP B 152 0.77 -46.78 -9.31
CA ASP B 152 -0.21 -47.38 -8.42
C ASP B 152 -0.32 -46.51 -7.16
N THR B 153 -1.55 -46.17 -6.81
CA THR B 153 -1.71 -45.20 -5.77
C THR B 153 -3.05 -45.36 -5.05
N GLU B 154 -2.98 -44.84 -3.85
CA GLU B 154 -4.10 -44.74 -2.97
C GLU B 154 -5.10 -43.69 -3.43
N TYR B 155 -4.74 -42.41 -3.31
CA TYR B 155 -5.53 -41.24 -3.64
C TYR B 155 -5.05 -40.58 -4.90
N ILE B 156 -5.89 -39.91 -5.67
CA ILE B 156 -5.43 -39.17 -6.83
C ILE B 156 -5.90 -37.76 -6.60
N LEU B 157 -5.03 -36.74 -6.86
CA LEU B 157 -5.43 -35.34 -6.83
C LEU B 157 -5.22 -34.75 -8.19
N LEU B 158 -6.28 -34.26 -8.80
CA LEU B 158 -6.22 -33.58 -10.09
C LEU B 158 -5.99 -32.06 -9.93
N ALA B 159 -4.84 -31.52 -10.25
CA ALA B 159 -4.66 -30.09 -10.16
C ALA B 159 -4.17 -29.57 -11.50
N THR B 160 -4.90 -29.88 -12.59
CA THR B 160 -4.47 -29.49 -13.93
C THR B 160 -4.68 -28.04 -14.42
N GLY B 161 -5.28 -27.15 -13.61
CA GLY B 161 -5.41 -25.75 -14.00
C GLY B 161 -6.43 -25.46 -15.11
N SER B 162 -6.18 -24.43 -15.94
CA SER B 162 -7.10 -23.95 -16.98
C SER B 162 -6.31 -23.55 -18.23
N TRP B 163 -6.95 -23.33 -19.37
CA TRP B 163 -6.21 -22.99 -20.55
C TRP B 163 -6.93 -21.79 -21.15
N PRO B 164 -6.32 -20.85 -21.86
CA PRO B 164 -7.06 -19.82 -22.56
C PRO B 164 -8.23 -20.30 -23.44
N GLN B 165 -9.35 -19.57 -23.46
CA GLN B 165 -10.51 -19.85 -24.32
C GLN B 165 -10.34 -19.23 -25.68
N HIS B 166 -10.68 -19.95 -26.74
CA HIS B 166 -10.60 -19.40 -28.07
C HIS B 166 -11.96 -18.95 -28.61
N LEU B 167 -11.95 -17.95 -29.46
CA LEU B 167 -13.16 -17.42 -30.09
C LEU B 167 -13.28 -18.31 -31.30
N GLY B 168 -14.37 -18.86 -31.81
CA GLY B 168 -14.23 -19.72 -33.00
C GLY B 168 -14.34 -18.96 -34.31
N ILE B 169 -13.80 -17.76 -34.48
CA ILE B 169 -14.01 -17.00 -35.70
C ILE B 169 -13.00 -17.44 -36.75
N GLU B 170 -13.29 -17.12 -38.01
CA GLU B 170 -12.33 -17.37 -39.08
C GLU B 170 -11.11 -16.53 -38.70
N GLY B 171 -9.99 -17.19 -38.53
CA GLY B 171 -8.75 -16.50 -38.24
C GLY B 171 -8.31 -16.60 -36.78
N ASP B 172 -9.03 -17.33 -35.91
CA ASP B 172 -8.64 -17.50 -34.52
C ASP B 172 -7.16 -17.91 -34.39
N ASP B 173 -6.65 -18.78 -35.24
CA ASP B 173 -5.26 -19.23 -35.25
C ASP B 173 -4.25 -18.14 -35.63
N LEU B 174 -4.65 -16.93 -35.98
CA LEU B 174 -3.69 -15.84 -36.14
C LEU B 174 -3.60 -14.98 -34.86
N CYS B 175 -4.52 -15.17 -33.92
CA CYS B 175 -4.58 -14.49 -32.68
C CYS B 175 -3.72 -15.24 -31.71
N ILE B 176 -3.17 -14.57 -30.70
CA ILE B 176 -2.36 -15.20 -29.69
C ILE B 176 -3.17 -15.11 -28.39
N THR B 177 -2.72 -15.67 -27.28
CA THR B 177 -3.39 -15.58 -26.01
C THR B 177 -2.32 -15.15 -25.01
N SER B 178 -2.50 -15.05 -23.71
CA SER B 178 -1.43 -14.60 -22.87
C SER B 178 -0.22 -15.50 -22.83
N ASN B 179 -0.35 -16.78 -23.16
CA ASN B 179 0.77 -17.71 -23.15
C ASN B 179 1.86 -17.29 -24.12
N GLU B 180 1.45 -16.87 -25.31
CA GLU B 180 2.40 -16.42 -26.31
C GLU B 180 2.80 -14.97 -26.11
N ALA B 181 1.95 -14.14 -25.47
CA ALA B 181 2.33 -12.77 -25.16
C ALA B 181 3.56 -12.73 -24.23
N PHE B 182 3.85 -13.75 -23.41
CA PHE B 182 5.04 -13.68 -22.58
C PHE B 182 6.31 -14.01 -23.35
N TYR B 183 6.24 -14.40 -24.61
CA TYR B 183 7.40 -14.83 -25.37
C TYR B 183 7.55 -14.04 -26.67
N LEU B 184 6.80 -12.99 -26.96
CA LEU B 184 6.93 -12.18 -28.18
C LEU B 184 8.35 -11.63 -28.34
N ASP B 185 8.84 -11.43 -29.58
CA ASP B 185 10.18 -10.94 -29.87
C ASP B 185 10.32 -9.46 -29.86
N GLU B 186 9.32 -8.79 -30.43
CA GLU B 186 9.29 -7.37 -30.36
C GLU B 186 7.92 -7.05 -29.80
N ALA B 187 7.94 -5.89 -29.15
CA ALA B 187 6.74 -5.28 -28.63
C ALA B 187 5.87 -4.90 -29.84
N PRO B 188 4.54 -5.12 -29.87
CA PRO B 188 3.72 -4.72 -31.00
C PRO B 188 3.59 -3.20 -31.13
N LYS B 189 3.69 -2.61 -32.32
CA LYS B 189 3.39 -1.21 -32.45
C LYS B 189 1.89 -0.99 -32.32
N ARG B 190 1.07 -1.75 -33.04
CA ARG B 190 -0.40 -1.67 -32.94
C ARG B 190 -0.85 -3.03 -32.43
N ALA B 191 -1.70 -3.03 -31.40
CA ALA B 191 -2.17 -4.25 -30.75
C ALA B 191 -3.63 -4.14 -30.40
N LEU B 192 -4.31 -5.30 -30.43
CA LEU B 192 -5.71 -5.43 -30.07
C LEU B 192 -5.79 -6.44 -28.93
N CYS B 193 -6.36 -6.07 -27.80
CA CYS B 193 -6.60 -6.99 -26.71
C CYS B 193 -8.08 -7.25 -26.74
N VAL B 194 -8.57 -8.49 -26.84
CA VAL B 194 -10.02 -8.68 -26.82
C VAL B 194 -10.38 -9.43 -25.54
N GLY B 195 -11.32 -8.75 -24.86
CA GLY B 195 -11.97 -9.19 -23.64
C GLY B 195 -11.97 -8.01 -22.69
N GLY B 196 -12.85 -7.95 -21.69
CA GLY B 196 -12.85 -6.86 -20.75
C GLY B 196 -12.48 -7.39 -19.38
N GLY B 197 -11.80 -8.53 -19.22
CA GLY B 197 -11.54 -9.09 -17.91
C GLY B 197 -10.23 -8.60 -17.41
N TYR B 198 -9.65 -9.12 -16.35
CA TYR B 198 -8.43 -8.48 -15.85
C TYR B 198 -7.19 -8.87 -16.69
N ILE B 199 -7.12 -10.00 -17.40
CA ILE B 199 -5.89 -10.34 -18.11
C ILE B 199 -5.75 -9.45 -19.32
N SER B 200 -6.86 -9.12 -19.97
CA SER B 200 -6.91 -8.16 -21.08
C SER B 200 -6.40 -6.77 -20.68
N ILE B 201 -6.99 -6.19 -19.63
CA ILE B 201 -6.67 -4.85 -19.15
C ILE B 201 -5.23 -4.75 -18.71
N GLU B 202 -4.73 -5.79 -18.03
CA GLU B 202 -3.36 -5.79 -17.59
C GLU B 202 -2.44 -5.83 -18.79
N PHE B 203 -2.64 -6.77 -19.71
CA PHE B 203 -1.78 -6.75 -20.88
C PHE B 203 -1.88 -5.47 -21.72
N ALA B 204 -3.03 -4.78 -21.77
CA ALA B 204 -3.17 -3.55 -22.56
C ALA B 204 -2.27 -2.52 -21.92
N GLY B 205 -2.26 -2.43 -20.58
CA GLY B 205 -1.34 -1.56 -19.88
C GLY B 205 0.11 -1.88 -20.23
N ILE B 206 0.52 -3.15 -20.39
CA ILE B 206 1.88 -3.54 -20.71
C ILE B 206 2.25 -3.07 -22.08
N PHE B 207 1.48 -3.49 -23.09
CA PHE B 207 1.76 -3.16 -24.49
C PHE B 207 1.79 -1.65 -24.74
N ASN B 208 0.86 -0.94 -24.12
CA ASN B 208 0.83 0.51 -24.20
C ASN B 208 2.18 1.09 -23.78
N ALA B 209 2.87 0.61 -22.74
CA ALA B 209 4.11 1.25 -22.33
C ALA B 209 5.24 0.91 -23.29
N TYR B 210 5.26 -0.28 -23.85
CA TYR B 210 6.42 -0.68 -24.62
C TYR B 210 6.40 -0.53 -26.12
N LYS B 211 5.31 -0.01 -26.66
CA LYS B 211 5.15 0.13 -28.11
C LYS B 211 6.05 1.24 -28.62
N ALA B 212 6.32 1.10 -29.90
CA ALA B 212 7.08 2.10 -30.59
C ALA B 212 6.30 3.38 -30.56
N ARG B 213 7.00 4.50 -30.54
CA ARG B 213 6.44 5.84 -30.48
C ARG B 213 5.22 6.14 -31.34
N GLY B 214 5.02 5.66 -32.55
CA GLY B 214 3.74 6.06 -33.12
C GLY B 214 2.57 5.13 -32.79
N GLY B 215 2.80 4.10 -31.98
CA GLY B 215 1.89 2.97 -31.85
C GLY B 215 0.56 3.27 -31.20
N GLN B 216 -0.33 2.28 -31.20
CA GLN B 216 -1.66 2.40 -30.61
C GLN B 216 -2.09 1.05 -30.03
N VAL B 217 -2.64 1.02 -28.81
CA VAL B 217 -3.17 -0.22 -28.26
C VAL B 217 -4.70 -0.10 -28.24
N ASP B 218 -5.48 -1.00 -28.83
CA ASP B 218 -6.94 -1.01 -28.67
C ASP B 218 -7.47 -2.12 -27.73
N LEU B 219 -8.44 -1.89 -26.84
CA LEU B 219 -8.99 -2.92 -25.95
C LEU B 219 -10.41 -3.09 -26.46
N ALA B 220 -10.87 -4.29 -26.87
CA ALA B 220 -12.20 -4.49 -27.40
C ALA B 220 -12.98 -5.34 -26.43
N TYR B 221 -14.23 -4.97 -26.21
CA TYR B 221 -15.09 -5.66 -25.28
C TYR B 221 -16.50 -5.64 -25.83
N ARG B 222 -17.07 -6.82 -25.81
CA ARG B 222 -18.41 -6.97 -26.33
C ARG B 222 -19.50 -6.35 -25.50
N GLY B 223 -19.24 -6.18 -24.21
CA GLY B 223 -20.26 -5.63 -23.35
C GLY B 223 -20.35 -4.12 -23.47
N ASP B 224 -20.85 -3.51 -22.42
CA ASP B 224 -21.08 -2.11 -22.38
C ASP B 224 -19.94 -1.46 -21.63
N MET B 225 -19.40 -2.09 -20.59
CA MET B 225 -18.40 -1.45 -19.76
C MET B 225 -17.48 -2.57 -19.29
N ILE B 226 -16.14 -2.34 -19.31
CA ILE B 226 -15.17 -3.40 -19.01
C ILE B 226 -15.27 -3.83 -17.57
N LEU B 227 -14.77 -5.05 -17.32
CA LEU B 227 -14.61 -5.62 -16.00
C LEU B 227 -15.92 -5.86 -15.26
N ARG B 228 -16.71 -6.68 -15.97
CA ARG B 228 -18.03 -7.11 -15.55
C ARG B 228 -17.86 -7.89 -14.26
N GLY B 229 -18.82 -7.66 -13.36
CA GLY B 229 -18.76 -8.24 -12.05
C GLY B 229 -18.08 -7.31 -11.09
N PHE B 230 -17.29 -6.28 -11.48
CA PHE B 230 -16.68 -5.39 -10.53
C PHE B 230 -17.60 -4.22 -10.23
N ASP B 231 -17.23 -3.29 -9.33
CA ASP B 231 -18.09 -2.16 -8.96
C ASP B 231 -18.25 -1.22 -10.15
N SER B 232 -19.47 -0.86 -10.50
CA SER B 232 -19.76 0.06 -11.60
C SER B 232 -19.01 1.39 -11.72
N GLU B 233 -18.92 2.07 -10.59
CA GLU B 233 -18.33 3.38 -10.55
C GLU B 233 -16.83 3.30 -10.81
N LEU B 234 -16.20 2.29 -10.23
CA LEU B 234 -14.82 2.02 -10.46
C LEU B 234 -14.63 1.63 -11.90
N ARG B 235 -15.54 0.88 -12.50
CA ARG B 235 -15.37 0.47 -13.88
C ARG B 235 -15.39 1.67 -14.84
N LYS B 236 -16.18 2.68 -14.48
CA LYS B 236 -16.36 3.92 -15.20
C LYS B 236 -15.09 4.75 -15.05
N GLN B 237 -14.61 4.87 -13.82
CA GLN B 237 -13.40 5.59 -13.55
C GLN B 237 -12.15 4.99 -14.15
N LEU B 238 -11.95 3.67 -14.10
CA LEU B 238 -10.80 3.00 -14.71
C LEU B 238 -10.81 3.20 -16.22
N THR B 239 -11.95 3.12 -16.91
CA THR B 239 -12.03 3.30 -18.33
C THR B 239 -11.50 4.64 -18.69
N GLU B 240 -11.80 5.67 -17.92
CA GLU B 240 -11.24 6.97 -18.22
C GLU B 240 -9.75 7.04 -18.01
N GLN B 241 -9.18 6.59 -16.91
CA GLN B 241 -7.74 6.67 -16.73
C GLN B 241 -7.06 5.80 -17.78
N LEU B 242 -7.62 4.69 -18.21
CA LEU B 242 -7.08 3.87 -19.28
C LEU B 242 -7.02 4.70 -20.58
N ARG B 243 -8.10 5.39 -20.93
CA ARG B 243 -8.07 6.29 -22.08
C ARG B 243 -7.16 7.50 -21.95
N ALA B 244 -7.06 8.04 -20.73
CA ALA B 244 -6.16 9.15 -20.47
C ALA B 244 -4.70 8.69 -20.64
N ASN B 245 -4.33 7.41 -20.55
CA ASN B 245 -2.94 7.03 -20.81
C ASN B 245 -2.80 6.59 -22.24
N GLY B 246 -3.79 6.73 -23.11
CA GLY B 246 -3.61 6.47 -24.54
C GLY B 246 -4.27 5.22 -25.13
N ILE B 247 -5.08 4.48 -24.35
CA ILE B 247 -5.65 3.26 -24.87
C ILE B 247 -6.97 3.59 -25.49
N ASN B 248 -7.23 2.97 -26.62
CA ASN B 248 -8.48 3.21 -27.26
C ASN B 248 -9.39 2.11 -26.79
N VAL B 249 -10.19 2.38 -25.78
CA VAL B 249 -11.12 1.38 -25.30
C VAL B 249 -12.32 1.33 -26.25
N ARG B 250 -12.60 0.20 -26.88
CA ARG B 250 -13.74 0.01 -27.74
C ARG B 250 -14.77 -0.94 -27.16
N THR B 251 -15.84 -0.44 -26.54
CA THR B 251 -16.91 -1.27 -25.95
C THR B 251 -17.87 -1.68 -27.04
N HIS B 252 -18.75 -2.65 -26.78
CA HIS B 252 -19.68 -3.19 -27.77
C HIS B 252 -19.01 -3.60 -29.05
N GLU B 253 -17.76 -3.98 -28.91
CA GLU B 253 -16.97 -4.34 -30.04
C GLU B 253 -16.48 -5.77 -29.90
N ASN B 254 -16.51 -6.56 -30.97
CA ASN B 254 -16.07 -7.94 -30.90
C ASN B 254 -15.59 -8.32 -32.28
N PRO B 255 -14.45 -8.98 -32.54
CA PRO B 255 -14.01 -9.35 -33.86
C PRO B 255 -14.83 -10.50 -34.42
N ALA B 256 -14.90 -10.45 -35.77
CA ALA B 256 -15.62 -11.37 -36.63
C ALA B 256 -14.74 -12.21 -37.55
N LYS B 257 -13.62 -11.71 -38.06
CA LYS B 257 -12.86 -12.45 -39.06
C LYS B 257 -11.47 -11.92 -38.87
N VAL B 258 -10.45 -12.75 -38.83
CA VAL B 258 -9.09 -12.23 -38.79
C VAL B 258 -8.38 -12.85 -40.00
N THR B 259 -7.73 -11.99 -40.79
CA THR B 259 -7.02 -12.39 -41.99
C THR B 259 -5.59 -11.90 -41.93
N LYS B 260 -4.61 -12.64 -42.40
CA LYS B 260 -3.23 -12.18 -42.42
C LYS B 260 -2.98 -11.33 -43.66
N ASN B 261 -2.35 -10.18 -43.51
CA ASN B 261 -1.98 -9.30 -44.61
C ASN B 261 -0.60 -9.66 -45.11
N ALA B 262 -0.24 -9.15 -46.29
CA ALA B 262 1.01 -9.50 -46.93
C ALA B 262 2.25 -9.36 -46.04
N ASP B 263 2.30 -8.29 -45.25
CA ASP B 263 3.44 -8.05 -44.34
C ASP B 263 3.43 -8.90 -43.07
N GLY B 264 2.35 -9.57 -42.69
CA GLY B 264 2.38 -10.33 -41.45
C GLY B 264 1.52 -9.68 -40.38
N THR B 265 0.92 -8.52 -40.65
CA THR B 265 0.02 -7.97 -39.68
C THR B 265 -1.33 -8.63 -39.87
N ARG B 266 -2.19 -8.52 -38.86
CA ARG B 266 -3.53 -9.07 -38.90
C ARG B 266 -4.53 -8.04 -39.34
N HIS B 267 -5.44 -8.42 -40.19
CA HIS B 267 -6.51 -7.54 -40.59
C HIS B 267 -7.74 -8.01 -39.84
N VAL B 268 -8.29 -7.22 -38.91
CA VAL B 268 -9.51 -7.59 -38.18
C VAL B 268 -10.71 -6.89 -38.82
N VAL B 269 -11.82 -7.59 -38.97
CA VAL B 269 -13.10 -7.07 -39.43
C VAL B 269 -13.90 -7.29 -38.16
N PHE B 270 -14.43 -6.21 -37.64
CA PHE B 270 -15.18 -6.24 -36.41
C PHE B 270 -16.63 -6.54 -36.71
N GLU B 271 -17.39 -6.98 -35.70
CA GLU B 271 -18.77 -7.31 -35.92
C GLU B 271 -19.50 -6.08 -36.36
N SER B 272 -19.02 -4.91 -35.99
CA SER B 272 -19.59 -3.65 -36.44
C SER B 272 -19.36 -3.31 -37.90
N GLY B 273 -18.56 -4.10 -38.62
CA GLY B 273 -18.17 -3.71 -39.96
C GLY B 273 -16.88 -2.88 -39.91
N ALA B 274 -16.44 -2.41 -38.75
CA ALA B 274 -15.21 -1.65 -38.69
C ALA B 274 -14.02 -2.54 -38.94
N GLU B 275 -13.00 -2.05 -39.59
CA GLU B 275 -11.83 -2.84 -39.87
C GLU B 275 -10.61 -2.16 -39.31
N ALA B 276 -9.46 -2.82 -39.21
CA ALA B 276 -8.25 -2.20 -38.69
C ALA B 276 -7.12 -3.19 -38.85
N ASP B 277 -5.86 -2.81 -38.90
CA ASP B 277 -4.76 -3.77 -39.02
C ASP B 277 -3.97 -3.75 -37.70
N TYR B 278 -3.38 -4.86 -37.22
CA TYR B 278 -2.71 -4.86 -35.94
C TYR B 278 -1.54 -5.81 -36.01
N ASP B 279 -0.47 -5.46 -35.33
CA ASP B 279 0.63 -6.39 -35.29
C ASP B 279 0.29 -7.68 -34.57
N VAL B 280 -0.46 -7.60 -33.49
CA VAL B 280 -0.81 -8.74 -32.66
C VAL B 280 -2.27 -8.61 -32.24
N VAL B 281 -3.06 -9.67 -32.23
CA VAL B 281 -4.40 -9.65 -31.68
C VAL B 281 -4.34 -10.65 -30.53
N MET B 282 -4.57 -10.23 -29.29
CA MET B 282 -4.50 -11.12 -28.15
C MET B 282 -5.90 -11.43 -27.63
N LEU B 283 -6.24 -12.72 -27.67
CA LEU B 283 -7.48 -13.24 -27.14
C LEU B 283 -7.35 -13.49 -25.64
N ALA B 284 -8.06 -12.68 -24.85
CA ALA B 284 -8.12 -12.92 -23.43
C ALA B 284 -9.58 -12.90 -23.04
N ILE B 285 -10.27 -13.93 -23.53
CA ILE B 285 -11.69 -14.02 -23.30
C ILE B 285 -12.15 -15.03 -22.29
N GLY B 286 -11.27 -15.63 -21.49
CA GLY B 286 -11.76 -16.56 -20.50
C GLY B 286 -10.78 -17.70 -20.39
N ARG B 287 -10.72 -18.42 -19.27
CA ARG B 287 -9.83 -19.55 -19.06
C ARG B 287 -10.75 -20.73 -18.83
N VAL B 288 -10.66 -21.81 -19.57
CA VAL B 288 -11.60 -22.90 -19.40
C VAL B 288 -10.89 -24.06 -18.65
N PRO B 289 -11.54 -24.86 -17.77
CA PRO B 289 -10.90 -25.91 -17.00
C PRO B 289 -10.19 -26.99 -17.80
N ARG B 290 -8.92 -27.26 -17.51
CA ARG B 290 -8.13 -28.15 -18.32
C ARG B 290 -8.28 -29.60 -17.89
N SER B 291 -9.39 -30.21 -18.26
CA SER B 291 -9.71 -31.57 -17.86
C SER B 291 -9.86 -32.53 -19.02
N GLN B 292 -9.99 -31.97 -20.20
CA GLN B 292 -10.33 -32.75 -21.38
C GLN B 292 -9.38 -33.82 -21.85
N THR B 293 -8.22 -34.07 -21.28
CA THR B 293 -7.45 -35.21 -21.75
C THR B 293 -7.02 -36.18 -20.65
N LEU B 294 -7.54 -35.98 -19.44
CA LEU B 294 -7.17 -36.83 -18.32
C LEU B 294 -7.81 -38.19 -18.31
N GLN B 295 -8.63 -38.53 -19.30
CA GLN B 295 -9.43 -39.78 -19.36
C GLN B 295 -10.29 -39.99 -18.14
N LEU B 296 -10.89 -38.95 -17.60
CA LEU B 296 -11.70 -39.06 -16.39
C LEU B 296 -12.82 -40.10 -16.42
N ASP B 297 -13.34 -40.27 -17.60
CA ASP B 297 -14.36 -41.24 -17.98
C ASP B 297 -13.92 -42.63 -17.56
N LYS B 298 -12.65 -42.93 -17.69
CA LYS B 298 -12.07 -44.20 -17.37
C LYS B 298 -12.15 -44.41 -15.86
N ALA B 299 -12.27 -43.40 -15.01
CA ALA B 299 -12.39 -43.69 -13.58
C ALA B 299 -13.74 -43.31 -13.00
N GLY B 300 -14.64 -42.96 -13.90
CA GLY B 300 -15.97 -42.54 -13.54
C GLY B 300 -16.04 -41.15 -12.94
N VAL B 301 -15.14 -40.18 -13.19
CA VAL B 301 -15.25 -38.88 -12.51
C VAL B 301 -16.19 -38.02 -13.31
N GLU B 302 -17.11 -37.31 -12.65
CA GLU B 302 -18.10 -36.49 -13.34
C GLU B 302 -17.55 -35.08 -13.58
N VAL B 303 -17.61 -34.57 -14.82
CA VAL B 303 -17.28 -33.19 -15.10
C VAL B 303 -18.55 -32.47 -15.53
N ALA B 304 -18.51 -31.16 -15.36
CA ALA B 304 -19.50 -30.24 -15.81
C ALA B 304 -19.49 -30.04 -17.33
N LYS B 305 -20.46 -29.24 -17.72
CA LYS B 305 -20.70 -28.93 -19.11
C LYS B 305 -19.46 -28.30 -19.70
N ASN B 306 -18.95 -27.30 -18.97
CA ASN B 306 -17.73 -26.59 -19.38
C ASN B 306 -16.45 -27.36 -19.06
N GLY B 307 -16.49 -28.50 -18.39
CA GLY B 307 -15.30 -29.30 -18.19
C GLY B 307 -14.76 -29.21 -16.79
N ALA B 308 -15.47 -28.43 -15.94
CA ALA B 308 -15.06 -28.31 -14.57
C ALA B 308 -15.27 -29.69 -13.92
N ILE B 309 -14.33 -30.18 -13.14
CA ILE B 309 -14.44 -31.47 -12.44
C ILE B 309 -15.36 -31.15 -11.27
N LYS B 310 -16.44 -31.90 -11.01
CA LYS B 310 -17.34 -31.51 -9.93
C LYS B 310 -16.83 -31.98 -8.60
N VAL B 311 -16.85 -31.16 -7.56
CA VAL B 311 -16.29 -31.53 -6.29
C VAL B 311 -17.16 -30.99 -5.16
N ASP B 312 -17.13 -31.61 -3.98
CA ASP B 312 -17.89 -31.05 -2.90
C ASP B 312 -17.04 -30.04 -2.16
N ALA B 313 -17.52 -29.54 -1.04
CA ALA B 313 -16.83 -28.61 -0.21
C ALA B 313 -15.41 -29.00 0.13
N TYR B 314 -15.22 -30.32 0.24
CA TYR B 314 -13.95 -30.91 0.66
C TYR B 314 -13.16 -31.33 -0.56
N SER B 315 -13.54 -30.82 -1.74
CA SER B 315 -12.86 -31.16 -2.99
C SER B 315 -12.96 -32.61 -3.43
N LYS B 316 -13.78 -33.45 -2.79
CA LYS B 316 -13.96 -34.84 -3.20
C LYS B 316 -14.80 -34.91 -4.45
N THR B 317 -14.53 -35.82 -5.37
CA THR B 317 -15.40 -35.93 -6.50
C THR B 317 -16.46 -36.98 -6.13
N ASN B 318 -17.07 -37.62 -7.11
CA ASN B 318 -18.03 -38.68 -6.90
C ASN B 318 -17.31 -40.01 -6.74
N VAL B 319 -15.97 -40.10 -6.88
CA VAL B 319 -15.16 -41.31 -6.76
C VAL B 319 -14.38 -41.05 -5.49
N ASP B 320 -14.53 -41.93 -4.52
CA ASP B 320 -14.13 -41.65 -3.15
C ASP B 320 -12.70 -41.31 -2.86
N ASN B 321 -11.77 -41.66 -3.72
CA ASN B 321 -10.36 -41.46 -3.45
C ASN B 321 -9.74 -40.50 -4.47
N ILE B 322 -10.58 -39.81 -5.24
CA ILE B 322 -10.07 -38.90 -6.21
C ILE B 322 -10.58 -37.55 -5.78
N TYR B 323 -9.64 -36.60 -5.59
CA TYR B 323 -10.05 -35.24 -5.28
C TYR B 323 -9.59 -34.33 -6.40
N ALA B 324 -10.07 -33.11 -6.51
CA ALA B 324 -9.64 -32.21 -7.56
C ALA B 324 -9.59 -30.84 -6.91
N ILE B 325 -8.68 -29.92 -7.26
CA ILE B 325 -8.59 -28.60 -6.60
C ILE B 325 -8.09 -27.62 -7.63
N GLY B 326 -8.17 -26.33 -7.30
CA GLY B 326 -7.67 -25.24 -8.14
C GLY B 326 -8.66 -24.91 -9.23
N ASP B 327 -8.08 -24.37 -10.28
CA ASP B 327 -8.80 -23.88 -11.41
C ASP B 327 -9.66 -24.87 -12.14
N VAL B 328 -9.24 -26.13 -12.12
CA VAL B 328 -10.00 -27.17 -12.78
C VAL B 328 -11.34 -27.38 -12.10
N THR B 329 -11.51 -26.95 -10.87
CA THR B 329 -12.80 -27.12 -10.26
C THR B 329 -13.67 -25.89 -10.49
N ASP B 330 -13.09 -24.86 -11.11
CA ASP B 330 -13.77 -23.62 -11.40
C ASP B 330 -14.55 -23.04 -10.25
N ARG B 331 -13.82 -22.78 -9.18
CA ARG B 331 -14.43 -22.19 -8.01
C ARG B 331 -13.88 -20.78 -8.10
N VAL B 332 -13.02 -20.21 -7.26
CA VAL B 332 -12.45 -18.90 -7.55
C VAL B 332 -11.09 -19.26 -8.15
N MET B 333 -10.84 -18.81 -9.37
CA MET B 333 -9.58 -19.12 -10.00
C MET B 333 -8.48 -18.15 -9.53
N LEU B 334 -7.91 -18.28 -8.32
CA LEU B 334 -6.82 -17.41 -7.92
C LEU B 334 -5.73 -18.23 -7.27
N THR B 335 -4.42 -17.93 -7.37
CA THR B 335 -3.40 -18.74 -6.74
C THR B 335 -3.56 -18.94 -5.23
N PRO B 336 -3.75 -17.96 -4.34
CA PRO B 336 -4.00 -18.19 -2.92
C PRO B 336 -5.16 -19.15 -2.64
N VAL B 337 -6.21 -19.11 -3.46
CA VAL B 337 -7.38 -19.96 -3.25
C VAL B 337 -6.97 -21.40 -3.57
N ALA B 338 -6.24 -21.68 -4.65
CA ALA B 338 -5.76 -23.04 -4.92
C ALA B 338 -4.79 -23.50 -3.85
N ILE B 339 -3.87 -22.66 -3.36
CA ILE B 339 -2.95 -23.04 -2.28
C ILE B 339 -3.74 -23.43 -0.99
N ASN B 340 -4.78 -22.69 -0.66
CA ASN B 340 -5.63 -23.00 0.49
C ASN B 340 -6.25 -24.38 0.35
N GLU B 341 -6.90 -24.59 -0.79
CA GLU B 341 -7.53 -25.85 -1.10
C GLU B 341 -6.57 -27.04 -1.03
N GLY B 342 -5.28 -26.85 -1.32
CA GLY B 342 -4.31 -27.94 -1.28
C GLY B 342 -4.00 -28.29 0.16
N ALA B 343 -3.83 -27.26 0.96
CA ALA B 343 -3.63 -27.44 2.38
C ALA B 343 -4.87 -28.08 3.06
N ALA B 344 -6.11 -27.71 2.74
CA ALA B 344 -7.28 -28.31 3.36
C ALA B 344 -7.36 -29.79 3.07
N PHE B 345 -7.23 -30.16 1.78
CA PHE B 345 -7.18 -31.53 1.29
C PHE B 345 -6.16 -32.32 2.10
N VAL B 346 -4.90 -31.95 2.29
CA VAL B 346 -4.01 -32.79 3.07
C VAL B 346 -4.51 -32.98 4.49
N ASP B 347 -5.06 -31.96 5.16
CA ASP B 347 -5.67 -32.14 6.46
C ASP B 347 -6.85 -33.09 6.45
N THR B 348 -7.73 -32.95 5.47
CA THR B 348 -8.90 -33.80 5.38
C THR B 348 -8.52 -35.25 5.20
N VAL B 349 -7.67 -35.52 4.22
CA VAL B 349 -7.32 -36.89 3.90
C VAL B 349 -6.21 -37.44 4.79
N PHE B 350 -5.07 -36.79 4.98
CA PHE B 350 -3.98 -37.43 5.69
C PHE B 350 -3.90 -36.96 7.12
N ALA B 351 -4.76 -36.12 7.63
CA ALA B 351 -4.59 -35.76 9.02
C ALA B 351 -5.89 -35.96 9.73
N ASN B 352 -6.91 -36.26 8.95
CA ASN B 352 -8.25 -36.39 9.44
C ASN B 352 -8.72 -35.25 10.30
N LYS B 353 -8.51 -34.09 9.71
CA LYS B 353 -9.00 -32.87 10.27
C LYS B 353 -9.76 -32.30 9.06
N PRO B 354 -11.04 -32.64 8.78
CA PRO B 354 -11.83 -32.04 7.71
C PRO B 354 -11.80 -30.55 7.68
N ARG B 355 -11.37 -30.02 6.55
CA ARG B 355 -11.16 -28.62 6.47
C ARG B 355 -11.85 -28.25 5.18
N ALA B 356 -12.49 -27.10 5.05
CA ALA B 356 -13.04 -26.70 3.77
C ALA B 356 -12.63 -25.26 3.52
N THR B 357 -12.23 -24.98 2.28
CA THR B 357 -11.84 -23.65 1.87
C THR B 357 -13.11 -22.82 1.79
N ASP B 358 -13.00 -21.66 2.39
CA ASP B 358 -14.04 -20.67 2.39
C ASP B 358 -13.84 -19.80 1.16
N HIS B 359 -14.68 -19.95 0.15
CA HIS B 359 -14.44 -19.17 -1.04
C HIS B 359 -15.15 -17.83 -0.91
N THR B 360 -15.56 -17.36 0.28
CA THR B 360 -16.25 -16.09 0.30
C THR B 360 -15.26 -15.08 0.83
N LYS B 361 -15.58 -13.80 0.59
CA LYS B 361 -14.77 -12.66 1.02
C LYS B 361 -13.28 -12.75 0.63
N VAL B 362 -13.01 -13.38 -0.52
CA VAL B 362 -11.65 -13.53 -1.01
C VAL B 362 -11.30 -12.19 -1.65
N ALA B 363 -10.12 -11.61 -1.43
CA ALA B 363 -9.84 -10.31 -2.01
C ALA B 363 -9.01 -10.50 -3.26
N CYS B 364 -9.25 -9.66 -4.26
CA CYS B 364 -8.38 -9.71 -5.42
C CYS B 364 -8.05 -8.32 -5.89
N ALA B 365 -6.90 -8.27 -6.55
CA ALA B 365 -6.34 -7.10 -7.21
C ALA B 365 -6.40 -7.22 -8.72
N VAL B 366 -6.41 -6.08 -9.42
CA VAL B 366 -6.25 -6.03 -10.85
C VAL B 366 -5.05 -5.11 -10.99
N PHE B 367 -3.95 -5.52 -11.62
CA PHE B 367 -2.73 -4.76 -11.81
C PHE B 367 -2.76 -4.00 -13.15
N SER B 368 -3.75 -3.14 -13.23
CA SER B 368 -3.90 -2.20 -14.31
C SER B 368 -3.09 -0.95 -13.91
N ILE B 369 -3.02 0.10 -14.71
CA ILE B 369 -2.31 1.31 -14.33
C ILE B 369 -3.43 2.33 -14.46
N PRO B 370 -4.03 2.84 -13.38
CA PRO B 370 -3.72 2.53 -12.00
C PRO B 370 -4.38 1.21 -11.63
N PRO B 371 -3.88 0.61 -10.56
CA PRO B 371 -4.41 -0.65 -10.07
C PRO B 371 -5.74 -0.57 -9.32
N MET B 372 -6.27 -1.77 -9.06
CA MET B 372 -7.47 -1.93 -8.26
C MET B 372 -7.26 -2.92 -7.16
N GLY B 373 -7.97 -2.73 -6.06
CA GLY B 373 -8.00 -3.66 -4.95
C GLY B 373 -9.43 -3.71 -4.47
N VAL B 374 -10.01 -4.89 -4.45
CA VAL B 374 -11.43 -5.14 -4.19
C VAL B 374 -11.65 -6.32 -3.19
N CYS B 375 -12.80 -6.41 -2.50
CA CYS B 375 -13.09 -7.49 -1.53
C CYS B 375 -14.55 -7.52 -1.09
N GLY B 376 -15.23 -8.66 -1.16
CA GLY B 376 -16.63 -8.70 -0.76
C GLY B 376 -17.59 -8.15 -1.82
N TYR B 377 -18.80 -7.85 -1.40
CA TYR B 377 -19.89 -7.45 -2.25
C TYR B 377 -19.82 -6.15 -2.95
N VAL B 378 -20.46 -6.20 -4.07
CA VAL B 378 -20.65 -5.04 -4.95
C VAL B 378 -22.08 -4.63 -4.52
N GLU B 379 -22.45 -3.34 -4.45
CA GLU B 379 -23.76 -2.94 -3.98
C GLU B 379 -24.87 -3.62 -4.68
N GLU B 380 -24.97 -3.82 -6.00
CA GLU B 380 -26.12 -4.53 -6.60
C GLU B 380 -26.38 -5.88 -5.93
N ASP B 381 -25.37 -6.66 -5.65
CA ASP B 381 -25.62 -7.92 -4.99
C ASP B 381 -26.06 -7.77 -3.55
N ALA B 382 -25.31 -7.00 -2.77
CA ALA B 382 -25.66 -6.81 -1.37
C ALA B 382 -27.09 -6.30 -1.31
N ALA B 383 -27.46 -5.33 -2.15
CA ALA B 383 -28.80 -4.80 -2.22
C ALA B 383 -29.79 -5.92 -2.36
N LYS B 384 -29.57 -6.90 -3.20
CA LYS B 384 -30.50 -8.01 -3.28
C LYS B 384 -30.60 -8.78 -1.98
N LYS B 385 -29.52 -9.02 -1.26
CA LYS B 385 -29.66 -9.86 -0.10
C LYS B 385 -29.98 -9.08 1.16
N TYR B 386 -30.11 -7.76 1.22
CA TYR B 386 -30.28 -7.11 2.52
C TYR B 386 -31.23 -5.93 2.37
N ASP B 387 -32.17 -5.74 3.30
CA ASP B 387 -33.17 -4.70 3.12
C ASP B 387 -32.67 -3.30 3.12
N GLN B 388 -31.59 -3.05 3.85
CA GLN B 388 -31.09 -1.69 3.87
C GLN B 388 -29.59 -1.74 3.76
N VAL B 389 -29.11 -1.30 2.61
CA VAL B 389 -27.69 -1.27 2.34
C VAL B 389 -27.28 0.19 2.25
N ALA B 390 -26.13 0.51 2.86
CA ALA B 390 -25.63 1.89 2.78
C ALA B 390 -24.39 1.92 1.88
N VAL B 391 -24.20 2.92 1.02
CA VAL B 391 -22.99 2.98 0.20
C VAL B 391 -22.28 4.29 0.51
N TYR B 392 -21.00 4.17 0.82
CA TYR B 392 -20.10 5.26 1.17
C TYR B 392 -19.11 5.45 0.02
N GLU B 393 -18.59 6.62 -0.35
CA GLU B 393 -17.56 6.70 -1.36
C GLU B 393 -16.75 7.95 -1.19
N SER B 394 -15.47 7.95 -1.47
CA SER B 394 -14.65 9.12 -1.38
C SER B 394 -13.83 8.91 -2.64
N SER B 395 -13.41 10.07 -3.12
CA SER B 395 -12.76 10.25 -4.38
C SER B 395 -11.91 11.50 -4.24
N PHE B 396 -10.64 11.49 -4.65
CA PHE B 396 -9.78 12.66 -4.53
C PHE B 396 -8.57 12.43 -5.42
N THR B 397 -7.94 13.46 -5.95
CA THR B 397 -6.68 13.28 -6.65
C THR B 397 -5.67 13.27 -5.52
N PRO B 398 -4.75 12.30 -5.43
CA PRO B 398 -3.68 12.26 -4.43
C PRO B 398 -2.78 13.45 -4.68
N LEU B 399 -2.26 14.18 -3.67
CA LEU B 399 -1.62 15.48 -3.94
C LEU B 399 -0.43 15.42 -4.87
N MET B 400 0.36 14.35 -4.81
CA MET B 400 1.52 14.30 -5.66
C MET B 400 1.09 14.48 -7.09
N HIS B 401 -0.14 14.10 -7.47
CA HIS B 401 -0.61 14.20 -8.83
C HIS B 401 -1.01 15.57 -9.29
N ASN B 402 -1.13 16.44 -8.30
CA ASN B 402 -1.31 17.87 -8.54
C ASN B 402 -0.01 18.37 -9.23
N ILE B 403 1.09 18.17 -8.50
CA ILE B 403 2.40 18.53 -8.95
C ILE B 403 2.87 17.65 -10.08
N SER B 404 2.62 16.35 -10.10
CA SER B 404 3.12 15.51 -11.18
C SER B 404 2.58 15.75 -12.58
N GLY B 405 1.36 16.18 -12.73
CA GLY B 405 0.80 16.36 -14.07
C GLY B 405 -0.22 15.27 -14.38
N SER B 406 -0.30 14.15 -13.68
CA SER B 406 -1.27 13.14 -14.07
C SER B 406 -2.51 13.39 -13.25
N THR B 407 -3.09 14.57 -13.45
CA THR B 407 -4.27 14.98 -12.70
C THR B 407 -5.51 14.13 -12.97
N TYR B 408 -5.50 13.33 -14.06
CA TYR B 408 -6.57 12.38 -14.34
C TYR B 408 -6.58 11.21 -13.37
N LYS B 409 -5.66 11.14 -12.38
CA LYS B 409 -5.56 10.02 -11.47
C LYS B 409 -6.23 10.22 -10.12
N LYS B 410 -7.52 9.92 -10.05
CA LYS B 410 -8.27 10.12 -8.81
C LYS B 410 -8.17 8.85 -8.01
N PHE B 411 -7.90 8.86 -6.70
CA PHE B 411 -7.99 7.65 -5.92
C PHE B 411 -9.46 7.60 -5.57
N MET B 412 -10.03 6.41 -5.54
CA MET B 412 -11.42 6.24 -5.26
C MET B 412 -11.62 5.08 -4.28
N VAL B 413 -12.47 5.18 -3.27
CA VAL B 413 -12.67 4.13 -2.28
C VAL B 413 -14.16 4.20 -2.05
N ARG B 414 -14.78 3.02 -2.02
CA ARG B 414 -16.22 2.92 -1.80
C ARG B 414 -16.58 1.72 -0.91
N ILE B 415 -17.50 1.88 0.04
CA ILE B 415 -17.81 0.87 1.06
C ILE B 415 -19.30 0.58 1.08
N VAL B 416 -19.64 -0.70 0.98
CA VAL B 416 -21.01 -1.18 1.02
C VAL B 416 -21.27 -1.86 2.37
N THR B 417 -22.28 -1.47 3.13
CA THR B 417 -22.53 -2.07 4.44
C THR B 417 -23.98 -2.50 4.52
N ASN B 418 -24.16 -3.45 5.46
CA ASN B 418 -25.51 -3.80 5.86
C ASN B 418 -25.88 -2.66 6.79
N HIS B 419 -26.83 -1.83 6.37
CA HIS B 419 -27.17 -0.66 7.14
C HIS B 419 -27.78 -0.98 8.51
N ALA B 420 -28.46 -2.10 8.67
CA ALA B 420 -29.03 -2.48 9.95
C ALA B 420 -28.04 -2.53 11.11
N ASP B 421 -26.97 -3.31 10.89
CA ASP B 421 -25.99 -3.52 11.95
C ASP B 421 -24.72 -2.73 11.76
N GLY B 422 -24.48 -2.26 10.53
CA GLY B 422 -23.26 -1.53 10.18
C GLY B 422 -22.15 -2.42 9.67
N GLU B 423 -22.36 -3.70 9.42
CA GLU B 423 -21.32 -4.65 9.01
C GLU B 423 -20.85 -4.28 7.63
N VAL B 424 -19.55 -4.42 7.37
CA VAL B 424 -19.01 -4.03 6.08
C VAL B 424 -19.08 -5.25 5.23
N LEU B 425 -19.70 -5.10 4.08
CA LEU B 425 -19.94 -6.18 3.15
C LEU B 425 -19.01 -6.23 1.94
N GLY B 426 -18.37 -5.14 1.57
CA GLY B 426 -17.49 -5.12 0.43
C GLY B 426 -16.80 -3.78 0.40
N VAL B 427 -15.50 -3.76 0.16
CA VAL B 427 -14.73 -2.53 0.05
C VAL B 427 -14.09 -2.52 -1.32
N HIS B 428 -14.24 -1.44 -2.12
CA HIS B 428 -13.76 -1.42 -3.50
C HIS B 428 -12.86 -0.23 -3.73
N MET B 429 -11.64 -0.41 -4.21
CA MET B 429 -10.69 0.70 -4.38
C MET B 429 -10.00 0.75 -5.72
N LEU B 430 -9.80 1.99 -6.18
CA LEU B 430 -9.02 2.28 -7.37
C LEU B 430 -7.95 3.31 -6.97
N GLY B 431 -6.72 3.06 -7.46
CA GLY B 431 -5.56 3.93 -7.26
C GLY B 431 -4.32 3.15 -6.83
N ASP B 432 -3.13 3.75 -6.85
CA ASP B 432 -1.89 3.06 -6.55
C ASP B 432 -1.92 2.66 -5.13
N SER B 433 -1.32 1.50 -4.93
CA SER B 433 -1.20 0.83 -3.67
C SER B 433 -2.49 0.23 -3.22
N SER B 434 -3.61 0.25 -3.95
CA SER B 434 -4.76 -0.47 -3.47
C SER B 434 -4.55 -1.98 -3.44
N PRO B 435 -3.77 -2.73 -4.31
CA PRO B 435 -3.48 -4.16 -4.10
C PRO B 435 -2.93 -4.40 -2.70
N GLU B 436 -1.98 -3.55 -2.25
CA GLU B 436 -1.39 -3.66 -0.92
C GLU B 436 -2.33 -3.28 0.22
N ILE B 437 -3.14 -2.24 0.06
CA ILE B 437 -4.06 -1.81 1.11
C ILE B 437 -5.13 -2.86 1.37
N ILE B 438 -5.64 -3.50 0.32
CA ILE B 438 -6.80 -4.38 0.44
C ILE B 438 -6.51 -5.67 1.18
N GLN B 439 -5.25 -6.13 1.18
CA GLN B 439 -4.91 -7.35 1.87
C GLN B 439 -5.27 -7.17 3.33
N SER B 440 -4.81 -6.15 4.00
CA SER B 440 -5.20 -5.93 5.40
C SER B 440 -6.71 -5.68 5.55
N VAL B 441 -7.39 -5.12 4.55
CA VAL B 441 -8.84 -4.89 4.64
C VAL B 441 -9.56 -6.22 4.65
N ALA B 442 -9.16 -7.19 3.82
CA ALA B 442 -9.83 -8.49 3.83
C ALA B 442 -9.73 -9.19 5.21
N ILE B 443 -8.64 -9.06 5.99
CA ILE B 443 -8.52 -9.59 7.36
C ILE B 443 -9.65 -8.97 8.19
N CYS B 444 -9.88 -7.66 8.12
CA CYS B 444 -10.93 -7.02 8.87
C CYS B 444 -12.27 -7.61 8.51
N LEU B 445 -12.45 -7.92 7.23
CA LEU B 445 -13.71 -8.44 6.76
C LEU B 445 -13.94 -9.89 7.17
N LYS B 446 -12.88 -10.69 7.34
CA LYS B 446 -13.03 -12.01 7.92
C LYS B 446 -13.52 -11.86 9.34
N MET B 447 -13.01 -10.90 10.13
CA MET B 447 -13.42 -10.66 11.52
C MET B 447 -14.74 -9.93 11.70
N GLY B 448 -15.52 -9.68 10.66
CA GLY B 448 -16.80 -9.00 10.82
C GLY B 448 -16.69 -7.51 11.17
N ALA B 449 -15.69 -6.77 10.67
CA ALA B 449 -15.64 -5.35 10.88
C ALA B 449 -16.90 -4.68 10.41
N LYS B 450 -17.26 -3.74 11.25
CA LYS B 450 -18.30 -2.73 11.07
C LYS B 450 -17.74 -1.39 10.58
N ILE B 451 -18.57 -0.49 10.07
CA ILE B 451 -18.08 0.80 9.62
C ILE B 451 -17.57 1.61 10.81
N SER B 452 -18.12 1.60 12.01
CA SER B 452 -17.49 2.34 13.11
C SER B 452 -16.11 1.82 13.44
N ASP B 453 -15.79 0.56 13.08
CA ASP B 453 -14.45 0.04 13.33
C ASP B 453 -13.48 0.75 12.41
N PHE B 454 -13.95 1.08 11.20
CA PHE B 454 -13.16 1.82 10.24
C PHE B 454 -12.92 3.26 10.72
N TYR B 455 -13.97 4.08 10.84
CA TYR B 455 -13.80 5.47 11.22
C TYR B 455 -13.48 5.74 12.67
N ASN B 456 -13.32 4.74 13.55
CA ASN B 456 -12.86 5.05 14.90
C ASN B 456 -11.37 4.77 14.99
N THR B 457 -10.73 4.27 13.92
CA THR B 457 -9.29 4.05 13.89
C THR B 457 -8.62 5.41 13.55
N ILE B 458 -7.53 5.84 14.20
CA ILE B 458 -6.90 7.11 13.87
C ILE B 458 -6.12 6.87 12.58
N GLY B 459 -6.04 7.89 11.70
CA GLY B 459 -5.43 7.70 10.40
C GLY B 459 -3.93 7.82 10.44
N VAL B 460 -3.26 7.40 9.37
CA VAL B 460 -1.84 7.61 9.16
C VAL B 460 -1.84 8.63 8.05
N HIS B 461 -1.34 9.85 8.27
CA HIS B 461 -1.37 10.91 7.29
C HIS B 461 0.08 11.24 7.02
N PRO B 462 0.48 11.56 5.78
CA PRO B 462 -0.39 11.60 4.60
C PRO B 462 -0.37 10.32 3.75
N THR B 463 -1.46 9.57 3.60
CA THR B 463 -1.48 8.33 2.84
C THR B 463 -2.82 8.25 2.16
N SER B 464 -3.10 7.50 1.08
CA SER B 464 -4.48 7.42 0.57
C SER B 464 -5.39 6.58 1.47
N ALA B 465 -4.75 5.61 2.12
CA ALA B 465 -5.45 4.60 2.88
C ALA B 465 -6.17 5.20 4.04
N GLU B 466 -5.75 6.36 4.54
CA GLU B 466 -6.49 6.91 5.65
C GLU B 466 -7.87 7.36 5.20
N GLU B 467 -8.22 7.47 3.91
CA GLU B 467 -9.58 7.81 3.52
C GLU B 467 -10.60 6.77 3.94
N LEU B 468 -10.16 5.51 4.02
CA LEU B 468 -10.94 4.42 4.58
C LEU B 468 -11.49 4.72 5.97
N CYS B 469 -10.77 5.52 6.80
CA CYS B 469 -11.22 5.87 8.14
C CYS B 469 -11.85 7.24 8.19
N SER B 470 -12.06 7.85 7.02
CA SER B 470 -12.61 9.19 6.96
C SER B 470 -14.05 9.19 6.52
N MET B 471 -14.64 8.07 6.16
CA MET B 471 -15.99 8.09 5.67
C MET B 471 -16.99 7.73 6.75
N ARG B 472 -17.73 8.71 7.19
CA ARG B 472 -18.67 8.51 8.28
C ARG B 472 -20.11 8.67 7.85
N THR B 473 -20.43 9.21 6.67
CA THR B 473 -21.79 9.48 6.25
C THR B 473 -22.14 8.79 4.94
N PRO B 474 -23.22 7.99 4.79
CA PRO B 474 -23.55 7.29 3.55
C PRO B 474 -23.82 8.19 2.38
N ALA B 475 -23.25 7.85 1.23
CA ALA B 475 -23.55 8.61 0.04
C ALA B 475 -25.00 8.32 -0.36
N TYR B 476 -25.51 7.09 -0.38
CA TYR B 476 -26.91 6.82 -0.71
C TYR B 476 -27.27 5.45 -0.18
N PHE B 477 -28.45 4.89 -0.49
CA PHE B 477 -28.86 3.63 0.10
C PHE B 477 -29.66 2.90 -0.97
N TYR B 478 -29.93 1.66 -0.59
CA TYR B 478 -30.86 0.77 -1.24
C TYR B 478 -31.79 0.25 -0.15
N GLN B 479 -33.07 0.58 -0.25
CA GLN B 479 -34.08 0.14 0.69
C GLN B 479 -34.85 -0.86 -0.14
N LYS B 480 -34.85 -2.13 0.26
CA LYS B 480 -35.58 -3.20 -0.40
C LYS B 480 -35.34 -3.24 -1.90
N GLY B 481 -34.08 -3.43 -2.29
CA GLY B 481 -33.67 -3.50 -3.68
C GLY B 481 -33.67 -2.15 -4.39
N LYS B 482 -34.21 -1.06 -3.86
CA LYS B 482 -34.33 0.15 -4.63
C LYS B 482 -33.33 1.22 -4.27
N ARG B 483 -32.61 1.84 -5.22
CA ARG B 483 -31.66 2.88 -4.86
C ARG B 483 -32.46 4.09 -4.37
N VAL B 484 -31.94 4.77 -3.34
CA VAL B 484 -32.79 5.67 -2.59
C VAL B 484 -32.39 7.01 -1.95
N GLU B 485 -31.16 7.47 -1.79
CA GLU B 485 -30.85 8.77 -1.15
C GLU B 485 -31.30 8.98 0.31
N LYS B 486 -32.40 8.46 0.86
CA LYS B 486 -32.78 8.63 2.27
C LYS B 486 -33.45 7.34 2.72
N ILE B 487 -33.56 7.03 4.00
CA ILE B 487 -34.13 5.76 4.39
C ILE B 487 -35.20 6.03 5.47
PA FAD C . -0.11 22.97 14.61
O1A FAD C . 1.34 23.15 14.85
O2A FAD C . -0.57 22.37 13.33
O5B FAD C . -0.77 24.44 14.50
C5B FAD C . -0.24 25.43 15.40
C4B FAD C . -0.87 26.76 15.08
O4B FAD C . -0.74 27.64 16.19
C3B FAD C . -0.21 27.66 14.03
O3B FAD C . 0.15 27.17 12.76
C2B FAD C . 0.91 28.37 14.74
O2B FAD C . 1.40 29.41 13.88
C1B FAD C . -0.15 28.87 15.77
N9A FAD C . 0.28 29.66 16.91
C8A FAD C . 1.20 29.36 17.87
N7A FAD C . 1.35 30.30 18.76
C5A FAD C . 0.30 31.18 18.50
C6A FAD C . -0.22 32.31 19.20
N6A FAD C . 0.23 32.70 20.40
N1A FAD C . -1.21 32.97 18.56
C2A FAD C . -1.64 32.58 17.37
N3A FAD C . -1.26 31.53 16.65
C4A FAD C . -0.30 30.83 17.32
N1 FAD C . 2.48 14.47 11.57
C2 FAD C . 1.82 13.45 10.90
O2 FAD C . 0.80 12.91 11.35
N3 FAD C . 2.35 13.06 9.70
C4 FAD C . 3.46 13.58 9.11
O4 FAD C . 3.80 13.18 8.00
C4X FAD C . 4.16 14.61 9.91
N5 FAD C . 5.25 15.20 9.42
C5X FAD C . 5.84 16.19 10.08
C6 FAD C . 6.94 16.83 9.50
C7 FAD C . 7.53 17.89 10.07
C7M FAD C . 8.80 18.43 9.46
C8 FAD C . 6.96 18.44 11.28
C8M FAD C . 7.63 19.58 11.98
C9 FAD C . 5.86 17.90 11.80
C9A FAD C . 5.28 16.70 11.28
N10 FAD C . 4.16 16.09 11.81
C10 FAD C . 3.59 15.04 11.13
C1' FAD C . 3.45 16.65 13.03
C2' FAD C . 2.18 17.45 12.84
O2' FAD C . 2.44 18.38 11.80
C3' FAD C . 1.65 18.11 14.08
O3' FAD C . 1.44 17.05 15.03
C4' FAD C . 0.30 18.77 13.96
O4' FAD C . 0.26 19.78 12.94
C5' FAD C . -0.08 19.40 15.27
O5' FAD C . -1.43 19.85 15.33
P FAD C . -1.72 21.11 16.29
O1P FAD C . -3.17 21.32 16.08
O2P FAD C . -1.17 20.84 17.64
O3P FAD C . -1.09 22.47 15.78
PA NAP D . 12.94 12.84 19.89
O1A NAP D . 13.56 11.59 20.42
O2A NAP D . 12.92 14.06 20.76
O5B NAP D . 13.57 13.14 18.46
C5B NAP D . 14.84 13.82 18.48
C4B NAP D . 15.97 13.03 17.90
O4B NAP D . 17.19 13.68 18.25
C3B NAP D . 16.22 11.73 18.59
O3B NAP D . 17.20 11.00 17.89
C2B NAP D . 16.79 12.18 19.92
O2B NAP D . 17.61 11.14 20.40
C1B NAP D . 17.77 13.18 19.46
N9A NAP D . 17.94 14.19 20.49
C8A NAP D . 16.99 14.74 21.30
N7A NAP D . 17.45 15.66 22.10
C5A NAP D . 18.81 15.68 21.81
C6A NAP D . 19.85 16.49 22.27
N6A NAP D . 19.63 17.48 23.13
N1A NAP D . 21.08 16.28 21.79
C2A NAP D . 21.18 15.52 20.70
N3A NAP D . 20.25 14.79 20.08
C4A NAP D . 19.09 14.83 20.77
O3 NAP D . 11.56 12.69 19.11
PN NAP D . 10.86 12.65 17.67
O1N NAP D . 11.24 11.40 16.99
O2N NAP D . 10.92 13.91 16.86
O5D NAP D . 9.42 12.42 18.26
C5D NAP D . 8.77 13.54 18.94
C4D NAP D . 7.47 13.61 18.19
O4D NAP D . 6.29 12.91 18.49
C3D NAP D . 7.40 14.37 16.86
O3D NAP D . 7.24 15.79 16.88
C2D NAP D . 6.03 13.81 16.47
O2D NAP D . 5.60 14.31 15.20
C1D NAP D . 5.84 12.42 17.20
N1N NAP D . 6.46 11.08 16.80
C2N NAP D . 6.38 10.54 15.53
C3N NAP D . 6.98 9.39 15.24
C7N NAP D . 6.71 8.79 13.86
O7N NAP D . 5.86 9.29 13.09
N7N NAP D . 7.31 7.65 13.58
C4N NAP D . 7.68 8.74 16.20
C5N NAP D . 7.70 9.19 17.47
C6N NAP D . 7.03 10.32 17.77
P2B NAP D . 17.11 10.27 21.64
O1X NAP D . 18.37 9.60 22.05
O2X NAP D . 16.09 9.32 21.12
O3X NAP D . 16.60 11.34 22.53
N1 GSH E . -9.02 12.79 5.82
CA1 GSH E . -8.71 12.87 7.24
C1 GSH E . -9.84 13.25 8.23
O11 GSH E . -9.62 13.28 9.45
O12 GSH E . -10.96 13.49 7.77
CB1 GSH E . -7.54 13.84 7.46
CG1 GSH E . -6.96 14.72 6.34
CD1 GSH E . -6.09 15.71 7.04
OE1 GSH E . -5.26 15.31 7.85
N2 GSH E . -6.22 17.01 6.77
CA2 GSH E . -5.37 17.93 7.51
C2 GSH E . -6.10 18.73 8.56
O2 GSH E . -5.48 19.52 9.27
CB2 GSH E . -4.69 18.92 6.57
SG2 GSH E . -3.55 18.19 5.36
N3 GSH E . -7.39 18.47 8.75
CA3 GSH E . -8.10 19.15 9.81
C3 GSH E . -8.96 20.21 9.22
O31 GSH E . -8.70 20.64 8.09
N1 SPD F . -10.10 20.48 9.86
C2 SPD F . -10.92 21.59 9.37
C3 SPD F . -12.37 21.22 9.10
C4 SPD F . -12.43 19.81 8.57
C5 SPD F . -13.71 19.47 7.82
N6 SPD F . -13.75 20.39 6.69
C7 SPD F . -15.00 20.48 5.93
C8 SPD F . -14.94 21.46 4.75
C9 SPD F . -14.59 22.83 5.38
N10 SPD F . -14.10 24.21 5.42
N1 GSH G . -4.70 11.46 1.79
CA1 GSH G . -4.00 12.00 0.65
C1 GSH G . -2.62 11.51 0.15
O11 GSH G . -2.54 11.02 -0.96
O12 GSH G . -1.61 11.52 0.90
CB1 GSH G . -4.29 13.56 0.60
CG1 GSH G . -4.14 14.23 1.97
CD1 GSH G . -4.63 15.66 2.16
OE1 GSH G . -4.85 15.95 3.33
N2 GSH G . -4.85 16.59 1.20
CA2 GSH G . -5.25 17.95 1.59
C2 GSH G . -5.95 18.98 0.66
O2 GSH G . -5.63 19.07 -0.54
CB2 GSH G . -4.01 18.60 2.17
SG2 GSH G . -4.58 18.96 3.82
N3 GSH G . -6.91 19.72 1.29
CA3 GSH G . -7.75 20.77 0.71
C3 GSH G . -8.50 21.46 1.86
O31 GSH G . -7.97 21.60 2.97
N1 SPD H . -9.77 21.87 1.64
C2 SPD H . -10.60 22.58 2.62
C3 SPD H . -11.49 23.63 1.89
C4 SPD H . -12.36 23.21 0.66
C5 SPD H . -11.73 22.94 -0.76
N6 SPD H . -11.22 24.14 -1.46
C7 SPD H . -12.13 25.22 -1.90
C8 SPD H . -11.34 26.37 -2.60
C9 SPD H . -12.12 27.67 -2.86
N10 SPD H . -11.26 28.73 -3.38
PA FAD I . -1.99 -24.25 -12.43
O1A FAD I . -2.65 -23.73 -13.67
O2A FAD I . -1.18 -23.37 -11.56
O5B FAD I . -0.97 -25.48 -12.75
C5B FAD I . -1.43 -26.57 -13.57
C4B FAD I . -0.38 -27.62 -13.81
O4B FAD I . -0.92 -28.77 -14.47
C3B FAD I . 0.66 -27.41 -14.86
O3B FAD I . 1.68 -26.45 -14.72
C2B FAD I . 0.15 -27.65 -16.22
O2B FAD I . 1.33 -27.88 -16.98
C1B FAD I . -0.25 -29.01 -15.69
N9A FAD I . -0.81 -30.01 -16.59
C8A FAD I . -1.95 -29.91 -17.30
N7A FAD I . -2.47 -31.05 -17.65
C5A FAD I . -1.52 -31.99 -17.25
C6A FAD I . -1.43 -33.39 -17.42
N6A FAD I . -2.37 -34.18 -17.99
N1A FAD I . -0.30 -33.94 -17.00
C2A FAD I . 0.51 -33.24 -16.22
N3A FAD I . 0.49 -31.95 -15.90
C4A FAD I . -0.54 -31.37 -16.55
N1 FAD I . -3.98 -15.33 -10.06
C2 FAD I . -3.62 -14.59 -8.95
O2 FAD I . -3.79 -15.02 -7.81
N3 FAD I . -2.92 -13.41 -9.16
C4 FAD I . -2.46 -12.97 -10.37
O4 FAD I . -1.70 -12.00 -10.46
C4X FAD I . -2.83 -13.85 -11.50
N5 FAD I . -2.38 -13.54 -12.68
C5X FAD I . -2.63 -14.35 -13.71
C6 FAD I . -2.31 -13.92 -14.99
C7 FAD I . -2.50 -14.70 -16.05
C7M FAD I . -1.97 -14.24 -17.41
C8 FAD I . -3.12 -16.01 -15.83
C8M FAD I . -3.19 -17.04 -16.91
C9 FAD I . -3.54 -16.39 -14.64
C9A FAD I . -3.32 -15.59 -13.52
N10 FAD I . -3.77 -15.92 -12.29
C10 FAD I . -3.55 -15.05 -11.26
C1' FAD I . -4.23 -17.33 -12.02
C2' FAD I . -3.42 -18.36 -11.34
O2' FAD I . -2.27 -18.54 -12.16
C3' FAD I . -4.17 -19.68 -11.20
O3' FAD I . -5.31 -19.47 -10.36
C4' FAD I . -3.46 -20.79 -10.48
O4' FAD I . -2.12 -20.96 -10.97
C5' FAD I . -4.16 -22.10 -10.65
O5' FAD I . -3.65 -23.07 -9.75
P FAD I . -3.72 -24.62 -10.12
O1P FAD I . -3.16 -25.30 -8.92
O2P FAD I . -5.10 -24.96 -10.50
O3P FAD I . -2.67 -24.98 -11.24
PA NAP J . -13.28 -13.42 -17.78
O1A NAP J . -13.86 -12.33 -16.94
O2A NAP J . -14.22 -14.53 -18.16
O5B NAP J . -12.81 -12.67 -19.10
C5B NAP J . -13.57 -12.81 -20.28
C4B NAP J . -13.80 -11.49 -20.87
O4B NAP J . -14.10 -11.65 -22.27
C3B NAP J . -15.03 -10.86 -20.27
O3B NAP J . -14.99 -9.46 -20.44
C2B NAP J . -16.09 -11.45 -21.20
O2B NAP J . -17.22 -10.60 -21.36
C1B NAP J . -15.48 -11.55 -22.55
N9A NAP J . -15.90 -12.78 -23.18
C8A NAP J . -16.09 -14.02 -22.64
N7A NAP J . -16.43 -14.94 -23.49
C5A NAP J . -16.48 -14.23 -24.68
C6A NAP J . -16.79 -14.62 -25.99
N6A NAP J . -17.03 -15.88 -26.33
N1A NAP J . -16.79 -13.66 -26.91
C2A NAP J . -16.34 -12.45 -26.58
N3A NAP J . -15.93 -11.96 -25.42
C4A NAP J . -16.11 -12.93 -24.49
O3 NAP J . -11.71 -12.94 -17.58
PN NAP J . -10.16 -13.43 -17.74
O1N NAP J . -9.77 -14.27 -18.91
O2N NAP J . -9.30 -12.22 -17.56
O5D NAP J . -9.75 -14.23 -16.44
C5D NAP J . -10.02 -15.66 -16.43
C4D NAP J . -9.80 -16.06 -15.00
O4D NAP J . -10.79 -16.05 -14.00
C3D NAP J . -8.51 -15.78 -14.33
O3D NAP J . -7.35 -16.39 -14.90
C2D NAP J . -8.73 -16.30 -13.03
O2D NAP J . -7.55 -16.07 -12.33
C1D NAP J . -10.18 -15.73 -12.68
N1N NAP J . -10.58 -14.40 -12.04
C2N NAP J . -9.76 -13.55 -11.28
C3N NAP J . -10.17 -12.28 -10.92
C7N NAP J . -9.18 -11.27 -10.31
O7N NAP J . -8.02 -11.54 -9.96
N7N NAP J . -9.53 -9.99 -10.43
C4N NAP J . -11.41 -11.84 -11.30
C5N NAP J . -12.26 -12.70 -11.92
C6N NAP J . -11.86 -13.93 -12.28
P2B NAP J . -18.36 -10.85 -20.30
O1X NAP J . -19.48 -10.09 -20.88
O2X NAP J . -17.77 -10.28 -19.05
O3X NAP J . -18.54 -12.32 -20.31
N1 GSH K . 3.49 -16.98 1.02
CA1 GSH K . 2.32 -17.63 0.44
C1 GSH K . 1.56 -18.66 1.29
O11 GSH K . 0.62 -19.25 0.75
O12 GSH K . 1.88 -18.85 2.47
CB1 GSH K . 2.69 -18.29 -0.89
CG1 GSH K . 3.11 -17.37 -2.03
CD1 GSH K . 2.80 -18.07 -3.33
OE1 GSH K . 1.75 -17.75 -3.93
N2 GSH K . 3.65 -18.98 -3.85
CA2 GSH K . 3.23 -19.64 -5.08
C2 GSH K . 2.98 -21.14 -4.90
O2 GSH K . 2.74 -21.81 -5.92
CB2 GSH K . 4.27 -19.37 -6.19
SG2 GSH K . 4.82 -17.66 -6.51
N3 GSH K . 2.92 -21.65 -3.64
CA3 GSH K . 2.62 -23.04 -3.38
C3 GSH K . 3.89 -23.83 -3.07
O31 GSH K . 4.98 -23.34 -3.37
N1 SPD L . 3.84 -24.99 -2.39
C2 SPD L . 5.02 -25.82 -2.13
C3 SPD L . 5.20 -26.07 -0.64
C4 SPD L . 5.01 -24.71 0.03
C5 SPD L . 5.49 -24.50 1.46
N6 SPD L . 6.88 -24.90 1.41
C7 SPD L . 7.70 -24.40 2.52
C8 SPD L . 9.07 -25.09 2.65
C9 SPD L . 9.97 -25.05 1.41
N10 SPD L . 9.68 -26.03 0.36
N1 GSH M . 6.38 -11.36 -1.61
CA1 GSH M . 7.01 -10.78 -2.80
C1 GSH M . 6.05 -9.88 -3.63
O11 GSH M . 6.25 -8.66 -3.63
O12 GSH M . 5.08 -10.39 -4.24
CB1 GSH M . 7.62 -12.01 -3.59
CG1 GSH M . 6.62 -13.20 -3.59
CD1 GSH M . 6.89 -14.64 -4.03
OE1 GSH M . 5.88 -15.34 -4.05
N2 GSH M . 8.05 -15.22 -4.36
CA2 GSH M . 8.03 -16.63 -4.81
C2 GSH M . 9.28 -17.50 -4.62
O2 GSH M . 10.39 -16.93 -4.65
CB2 GSH M . 7.62 -16.57 -6.23
SG2 GSH M . 6.76 -18.13 -6.35
N3 GSH M . 9.20 -18.85 -4.45
CA3 GSH M . 10.40 -19.64 -4.16
C3 GSH M . 10.25 -21.17 -4.22
O31 GSH M . 9.38 -21.67 -4.98
N1 SPD N . 11.08 -22.01 -3.46
C2 SPD N . 11.09 -23.47 -3.61
C3 SPD N . 11.95 -24.23 -2.48
C4 SPD N . 13.48 -23.84 -2.60
C5 SPD N . 14.43 -25.05 -2.48
N6 SPD N . 15.37 -24.76 -3.54
C7 SPD N . 16.77 -25.15 -3.76
C8 SPD N . 17.47 -23.75 -4.31
C9 SPD N . 18.71 -24.17 -5.29
N10 SPD N . 19.39 -22.95 -5.68
#